data_2LXO
#
_entry.id   2LXO
#
_entity_poly.entity_id   1
_entity_poly.type   'polypeptide(L)'
_entity_poly.pdbx_seq_one_letter_code
;GIINTLQKYYCRVRGAICHPVFCPRRYKQIGTCGLPGTKCCKKP
;
_entity_poly.pdbx_strand_id   A
#
# COMPACT_ATOMS: atom_id res chain seq x y z
N GLY A 1 21.75 1.11 -7.18
CA GLY A 1 20.40 0.95 -7.69
C GLY A 1 19.37 1.42 -6.67
N ILE A 2 18.11 1.12 -6.96
CA ILE A 2 17.02 1.50 -6.08
C ILE A 2 16.40 0.24 -5.47
N ILE A 3 16.47 0.16 -4.15
CA ILE A 3 15.92 -0.98 -3.44
C ILE A 3 14.40 -0.87 -3.41
N ASN A 4 13.77 -1.88 -2.81
CA ASN A 4 12.32 -1.91 -2.72
C ASN A 4 11.90 -3.03 -1.76
N THR A 5 11.98 -2.73 -0.48
CA THR A 5 11.62 -3.70 0.55
C THR A 5 10.34 -3.27 1.25
N LEU A 6 9.31 -3.05 0.45
CA LEU A 6 8.02 -2.64 0.97
C LEU A 6 7.73 -3.40 2.28
N GLN A 7 7.34 -2.65 3.30
CA GLN A 7 7.05 -3.23 4.59
C GLN A 7 5.60 -2.94 4.98
N LYS A 8 5.29 -1.66 5.09
CA LYS A 8 3.96 -1.22 5.46
C LYS A 8 3.91 0.30 5.53
N TYR A 9 4.39 0.82 6.64
CA TYR A 9 4.41 2.26 6.84
C TYR A 9 4.80 2.99 5.55
N TYR A 10 5.56 2.29 4.72
CA TYR A 10 6.00 2.85 3.46
C TYR A 10 6.02 1.79 2.36
N CYS A 11 5.39 0.67 2.66
CA CYS A 11 5.32 -0.43 1.71
C CYS A 11 5.06 0.16 0.32
N ARG A 12 6.04 -0.01 -0.55
CA ARG A 12 5.94 0.50 -1.91
C ARG A 12 6.23 2.00 -1.94
N VAL A 13 6.91 2.41 -2.99
CA VAL A 13 7.25 3.82 -3.16
C VAL A 13 7.06 4.22 -4.61
N ARG A 14 5.83 4.61 -4.93
CA ARG A 14 5.49 5.03 -6.28
C ARG A 14 4.32 6.01 -6.26
N GLY A 15 3.61 6.06 -7.38
CA GLY A 15 2.47 6.95 -7.49
C GLY A 15 1.63 6.94 -6.22
N ALA A 16 1.69 5.83 -5.51
CA ALA A 16 0.95 5.68 -4.27
C ALA A 16 1.36 4.38 -3.58
N ILE A 17 1.87 4.52 -2.37
CA ILE A 17 2.31 3.37 -1.60
C ILE A 17 1.09 2.52 -1.24
N CYS A 18 -0.03 3.20 -1.04
CA CYS A 18 -1.26 2.51 -0.70
C CYS A 18 -2.37 3.05 -1.59
N HIS A 19 -3.47 2.29 -1.64
CA HIS A 19 -4.61 2.68 -2.45
C HIS A 19 -4.91 4.16 -2.25
N PRO A 20 -5.21 4.86 -3.38
CA PRO A 20 -5.52 6.27 -3.33
C PRO A 20 -6.93 6.50 -2.79
N VAL A 21 -7.07 7.55 -1.99
CA VAL A 21 -8.35 7.88 -1.40
C VAL A 21 -8.62 6.98 -0.20
N PHE A 22 -8.56 5.68 -0.46
CA PHE A 22 -8.79 4.71 0.60
C PHE A 22 -8.30 3.31 0.16
N CYS A 23 -8.80 2.31 0.87
CA CYS A 23 -8.43 0.93 0.57
C CYS A 23 -9.68 0.06 0.70
N PRO A 24 -9.93 -0.76 -0.36
CA PRO A 24 -11.07 -1.64 -0.38
C PRO A 24 -10.87 -2.84 0.54
N ARG A 25 -11.51 -3.93 0.19
CA ARG A 25 -11.41 -5.16 0.98
C ARG A 25 -11.20 -6.36 0.06
N ARG A 26 -10.61 -7.41 0.64
CA ARG A 26 -10.35 -8.61 -0.12
C ARG A 26 -9.15 -8.41 -1.04
N TYR A 27 -8.78 -7.15 -1.22
CA TYR A 27 -7.66 -6.82 -2.08
C TYR A 27 -6.50 -7.80 -1.87
N LYS A 28 -5.57 -7.39 -1.03
CA LYS A 28 -4.41 -8.22 -0.74
C LYS A 28 -3.36 -7.38 0.01
N GLN A 29 -3.67 -7.07 1.26
CA GLN A 29 -2.78 -6.28 2.08
C GLN A 29 -1.32 -6.64 1.77
N ILE A 30 -0.53 -5.61 1.49
CA ILE A 30 0.87 -5.80 1.17
C ILE A 30 1.72 -4.86 2.03
N GLY A 31 1.03 -4.15 2.93
CA GLY A 31 1.70 -3.23 3.81
C GLY A 31 0.85 -1.98 4.06
N THR A 32 0.48 -1.79 5.32
CA THR A 32 -0.34 -0.65 5.70
C THR A 32 0.53 0.57 5.97
N CYS A 33 0.08 1.71 5.45
CA CYS A 33 0.82 2.95 5.63
C CYS A 33 0.14 3.75 6.74
N GLY A 34 0.91 4.65 7.33
CA GLY A 34 0.40 5.49 8.40
C GLY A 34 -1.07 5.86 8.15
N LEU A 35 -1.33 6.28 6.92
CA LEU A 35 -2.69 6.67 6.54
C LEU A 35 -3.69 5.71 7.18
N PRO A 36 -4.60 6.29 8.01
CA PRO A 36 -5.61 5.50 8.68
C PRO A 36 -6.71 5.07 7.71
N GLY A 37 -6.52 3.89 7.14
CA GLY A 37 -7.49 3.35 6.19
C GLY A 37 -6.86 3.17 4.81
N THR A 38 -5.55 3.38 4.76
CA THR A 38 -4.82 3.25 3.51
C THR A 38 -3.71 2.20 3.66
N LYS A 39 -3.87 1.12 2.92
CA LYS A 39 -2.90 0.04 2.94
C LYS A 39 -2.52 -0.35 1.52
N CYS A 40 -1.51 -1.20 1.41
CA CYS A 40 -1.04 -1.65 0.12
C CYS A 40 -2.00 -2.74 -0.39
N CYS A 41 -2.94 -2.31 -1.21
CA CYS A 41 -3.93 -3.23 -1.76
C CYS A 41 -3.91 -3.09 -3.28
N LYS A 42 -4.31 -4.16 -3.95
CA LYS A 42 -4.34 -4.18 -5.40
C LYS A 42 -5.62 -4.87 -5.87
N LYS A 43 -6.49 -4.09 -6.50
CA LYS A 43 -7.75 -4.61 -6.99
C LYS A 43 -7.51 -5.97 -7.64
N PRO A 44 -8.59 -6.79 -7.68
CA PRO A 44 -8.51 -8.12 -8.27
C PRO A 44 -8.47 -8.04 -9.80
N GLY A 1 12.92 1.99 -7.39
CA GLY A 1 12.07 1.40 -6.37
C GLY A 1 12.66 0.08 -5.88
N ILE A 2 13.72 -0.35 -6.55
CA ILE A 2 14.38 -1.60 -6.19
C ILE A 2 15.05 -1.44 -4.83
N ILE A 3 15.88 -0.41 -4.73
CA ILE A 3 16.59 -0.14 -3.49
C ILE A 3 15.59 -0.07 -2.33
N ASN A 4 14.35 0.23 -2.68
CA ASN A 4 13.29 0.32 -1.69
C ASN A 4 12.49 -0.97 -1.68
N THR A 5 12.13 -1.39 -0.48
CA THR A 5 11.36 -2.62 -0.31
C THR A 5 10.08 -2.35 0.47
N LEU A 6 8.98 -2.26 -0.26
CA LEU A 6 7.68 -2.00 0.36
C LEU A 6 7.59 -2.78 1.66
N GLN A 7 7.17 -2.07 2.71
CA GLN A 7 7.02 -2.70 4.02
C GLN A 7 5.58 -2.57 4.51
N LYS A 8 5.12 -1.33 4.61
CA LYS A 8 3.77 -1.06 5.05
C LYS A 8 3.55 0.44 5.14
N TYR A 9 4.01 1.02 6.23
CA TYR A 9 3.87 2.46 6.44
C TYR A 9 4.14 3.22 5.14
N TYR A 10 4.97 2.62 4.30
CA TYR A 10 5.31 3.24 3.03
C TYR A 10 5.37 2.19 1.91
N CYS A 11 4.84 1.01 2.21
CA CYS A 11 4.82 -0.07 1.25
C CYS A 11 4.46 0.51 -0.12
N ARG A 12 5.47 0.55 -1.00
CA ARG A 12 5.27 1.08 -2.33
C ARG A 12 6.16 0.34 -3.33
N VAL A 13 5.73 0.36 -4.58
CA VAL A 13 6.48 -0.31 -5.63
C VAL A 13 6.40 0.53 -6.91
N ARG A 14 5.51 0.12 -7.80
CA ARG A 14 5.33 0.82 -9.06
C ARG A 14 4.10 1.73 -8.99
N GLY A 15 4.01 2.46 -7.89
CA GLY A 15 2.89 3.36 -7.69
C GLY A 15 3.11 4.24 -6.46
N ALA A 16 2.08 4.29 -5.62
CA ALA A 16 2.15 5.08 -4.40
C ALA A 16 2.49 4.17 -3.22
N ILE A 17 1.88 4.47 -2.08
CA ILE A 17 2.11 3.69 -0.88
C ILE A 17 0.87 2.86 -0.58
N CYS A 18 -0.26 3.54 -0.45
CA CYS A 18 -1.53 2.88 -0.18
C CYS A 18 -2.54 3.30 -1.25
N HIS A 19 -3.64 2.57 -1.28
CA HIS A 19 -4.70 2.85 -2.23
C HIS A 19 -5.11 4.32 -2.14
N PRO A 20 -5.30 4.95 -3.33
CA PRO A 20 -5.68 6.35 -3.39
C PRO A 20 -7.16 6.52 -3.02
N VAL A 21 -7.42 7.61 -2.29
CA VAL A 21 -8.78 7.91 -1.88
C VAL A 21 -9.13 7.04 -0.67
N PHE A 22 -8.97 5.74 -0.84
CA PHE A 22 -9.26 4.79 0.23
C PHE A 22 -8.67 3.42 -0.08
N CYS A 23 -9.20 2.42 0.62
CA CYS A 23 -8.73 1.06 0.44
C CYS A 23 -9.95 0.12 0.49
N PRO A 24 -10.05 -0.75 -0.56
CA PRO A 24 -11.14 -1.69 -0.64
C PRO A 24 -10.95 -2.84 0.35
N ARG A 25 -11.54 -3.98 0.00
CA ARG A 25 -11.44 -5.16 0.85
C ARG A 25 -11.12 -6.39 0.00
N ARG A 26 -10.49 -7.36 0.65
CA ARG A 26 -10.10 -8.59 -0.03
C ARG A 26 -8.91 -8.34 -0.95
N TYR A 27 -8.63 -7.07 -1.17
CA TYR A 27 -7.52 -6.68 -2.02
C TYR A 27 -6.34 -7.64 -1.86
N LYS A 28 -5.44 -7.28 -0.96
CA LYS A 28 -4.27 -8.10 -0.69
C LYS A 28 -3.34 -7.35 0.26
N GLN A 29 -3.77 -7.29 1.52
CA GLN A 29 -2.99 -6.61 2.54
C GLN A 29 -1.50 -6.89 2.34
N ILE A 30 -0.80 -5.90 1.81
CA ILE A 30 0.62 -6.02 1.57
C ILE A 30 1.36 -4.93 2.36
N GLY A 31 0.59 -4.06 2.99
CA GLY A 31 1.15 -2.98 3.77
C GLY A 31 0.06 -2.17 4.46
N THR A 32 0.49 -1.17 5.22
CA THR A 32 -0.44 -0.32 5.93
C THR A 32 0.20 1.05 6.22
N CYS A 33 -0.49 2.09 5.80
CA CYS A 33 -0.01 3.45 6.01
C CYS A 33 -1.13 4.28 6.60
N GLY A 34 -0.81 5.52 6.92
CA GLY A 34 -1.79 6.43 7.50
C GLY A 34 -2.73 5.70 8.46
N LEU A 35 -4.00 6.00 8.35
CA LEU A 35 -5.00 5.38 9.20
C LEU A 35 -5.34 3.99 8.65
N PRO A 36 -6.33 3.34 9.31
CA PRO A 36 -6.76 2.01 8.90
C PRO A 36 -7.61 2.08 7.62
N GLY A 37 -7.76 3.31 7.11
CA GLY A 37 -8.54 3.52 5.91
C GLY A 37 -7.63 3.62 4.68
N THR A 38 -6.34 3.58 4.93
CA THR A 38 -5.36 3.68 3.87
C THR A 38 -4.24 2.65 4.07
N LYS A 39 -4.42 1.49 3.46
CA LYS A 39 -3.45 0.42 3.56
C LYS A 39 -2.86 0.14 2.18
N CYS A 40 -1.79 -0.64 2.18
CA CYS A 40 -1.13 -1.00 0.93
C CYS A 40 -1.86 -2.19 0.31
N CYS A 41 -2.93 -1.87 -0.41
CA CYS A 41 -3.73 -2.90 -1.05
C CYS A 41 -3.47 -2.84 -2.56
N LYS A 42 -3.82 -3.93 -3.24
CA LYS A 42 -3.62 -4.01 -4.67
C LYS A 42 -4.53 -2.98 -5.36
N LYS A 43 -4.38 -2.90 -6.67
CA LYS A 43 -5.17 -1.96 -7.46
C LYS A 43 -5.00 -2.28 -8.95
N PRO A 44 -5.84 -3.23 -9.43
CA PRO A 44 -5.78 -3.63 -10.83
C PRO A 44 -6.42 -2.57 -11.72
N GLY A 1 24.16 -0.84 -2.70
CA GLY A 1 23.17 -1.18 -3.69
C GLY A 1 21.92 -1.79 -3.04
N ILE A 2 21.48 -1.15 -1.96
CA ILE A 2 20.31 -1.61 -1.24
C ILE A 2 19.08 -0.83 -1.70
N ILE A 3 18.16 -1.54 -2.32
CA ILE A 3 16.94 -0.93 -2.82
C ILE A 3 15.76 -1.86 -2.55
N ASN A 4 14.73 -1.29 -1.93
CA ASN A 4 13.53 -2.06 -1.61
C ASN A 4 12.46 -1.78 -2.66
N THR A 5 11.55 -2.72 -2.79
CA THR A 5 10.46 -2.59 -3.75
C THR A 5 9.14 -3.05 -3.12
N LEU A 6 9.01 -2.79 -1.83
CA LEU A 6 7.81 -3.17 -1.10
C LEU A 6 8.10 -3.14 0.40
N GLN A 7 7.20 -2.50 1.14
CA GLN A 7 7.35 -2.39 2.57
C GLN A 7 5.98 -2.23 3.23
N LYS A 8 5.49 -0.99 3.23
CA LYS A 8 4.20 -0.70 3.82
C LYS A 8 3.95 0.81 3.74
N TYR A 9 4.55 1.52 4.68
CA TYR A 9 4.42 2.97 4.74
C TYR A 9 4.48 3.58 3.34
N TYR A 10 5.16 2.87 2.45
CA TYR A 10 5.31 3.34 1.08
C TYR A 10 5.27 2.16 0.10
N CYS A 11 4.84 1.02 0.61
CA CYS A 11 4.74 -0.17 -0.21
C CYS A 11 4.20 0.23 -1.58
N ARG A 12 4.83 -0.34 -2.60
CA ARG A 12 4.42 -0.05 -3.97
C ARG A 12 5.08 1.24 -4.46
N VAL A 13 6.29 1.46 -3.98
CA VAL A 13 7.04 2.65 -4.36
C VAL A 13 6.20 3.89 -4.07
N ARG A 14 6.85 5.04 -4.19
CA ARG A 14 6.17 6.31 -3.94
C ARG A 14 5.00 6.48 -4.92
N GLY A 15 4.13 7.42 -4.58
CA GLY A 15 2.97 7.69 -5.41
C GLY A 15 2.17 6.40 -5.67
N ALA A 16 1.04 6.29 -4.99
CA ALA A 16 0.19 5.13 -5.14
C ALA A 16 0.71 4.00 -4.25
N ILE A 17 1.37 4.40 -3.18
CA ILE A 17 1.91 3.44 -2.23
C ILE A 17 0.77 2.60 -1.65
N CYS A 18 -0.44 3.10 -1.84
CA CYS A 18 -1.62 2.41 -1.33
C CYS A 18 -2.80 2.81 -2.20
N HIS A 19 -3.89 2.06 -2.05
CA HIS A 19 -5.09 2.32 -2.81
C HIS A 19 -5.41 3.81 -2.78
N PRO A 20 -5.81 4.33 -3.97
CA PRO A 20 -6.14 5.75 -4.09
C PRO A 20 -7.51 6.04 -3.45
N VAL A 21 -7.59 7.19 -2.81
CA VAL A 21 -8.82 7.61 -2.17
C VAL A 21 -8.97 6.87 -0.84
N PHE A 22 -8.92 5.55 -0.92
CA PHE A 22 -9.04 4.72 0.27
C PHE A 22 -8.57 3.29 -0.01
N CYS A 23 -9.08 2.37 0.80
CA CYS A 23 -8.74 0.97 0.65
C CYS A 23 -9.95 0.12 1.01
N PRO A 24 -10.30 -0.82 0.08
CA PRO A 24 -11.44 -1.69 0.30
C PRO A 24 -11.13 -2.77 1.33
N ARG A 25 -11.82 -3.89 1.21
CA ARG A 25 -11.63 -5.00 2.13
C ARG A 25 -11.54 -6.32 1.36
N ARG A 26 -10.95 -7.31 2.01
CA ARG A 26 -10.79 -8.62 1.40
C ARG A 26 -9.74 -8.56 0.29
N TYR A 27 -9.33 -7.35 -0.04
CA TYR A 27 -8.32 -7.13 -1.07
C TYR A 27 -7.13 -8.06 -0.86
N LYS A 28 -6.09 -7.50 -0.27
CA LYS A 28 -4.88 -8.26 0.00
C LYS A 28 -3.83 -7.35 0.64
N GLN A 29 -3.67 -7.52 1.95
CA GLN A 29 -2.70 -6.72 2.69
C GLN A 29 -1.29 -6.91 2.11
N ILE A 30 -0.75 -5.82 1.59
CA ILE A 30 0.58 -5.86 1.02
C ILE A 30 1.40 -4.67 1.55
N GLY A 31 0.81 -3.97 2.50
CA GLY A 31 1.46 -2.82 3.10
C GLY A 31 0.44 -1.90 3.78
N THR A 32 0.96 -0.84 4.38
CA THR A 32 0.12 0.12 5.07
C THR A 32 0.76 1.51 5.06
N CYS A 33 0.01 2.48 4.58
CA CYS A 33 0.50 3.84 4.52
C CYS A 33 -0.34 4.70 5.47
N GLY A 34 -0.40 4.26 6.71
CA GLY A 34 -1.17 4.98 7.73
C GLY A 34 -2.67 4.91 7.42
N LEU A 35 -3.45 5.03 8.48
CA LEU A 35 -4.90 4.99 8.35
C LEU A 35 -5.32 3.62 7.80
N PRO A 36 -6.40 3.06 8.43
CA PRO A 36 -6.89 1.76 8.01
C PRO A 36 -7.66 1.86 6.69
N GLY A 37 -7.70 3.08 6.16
CA GLY A 37 -8.39 3.33 4.91
C GLY A 37 -7.41 3.55 3.76
N THR A 38 -6.12 3.51 4.12
CA THR A 38 -5.07 3.70 3.13
C THR A 38 -3.95 2.69 3.35
N LYS A 39 -4.14 1.51 2.78
CA LYS A 39 -3.15 0.45 2.90
C LYS A 39 -2.76 -0.05 1.51
N CYS A 40 -1.76 -0.91 1.48
CA CYS A 40 -1.29 -1.47 0.23
C CYS A 40 -2.15 -2.70 -0.10
N CYS A 41 -3.29 -2.43 -0.72
CA CYS A 41 -4.21 -3.49 -1.10
C CYS A 41 -4.14 -3.66 -2.62
N LYS A 42 -4.18 -4.92 -3.04
CA LYS A 42 -4.12 -5.24 -4.46
C LYS A 42 -5.52 -5.09 -5.06
N LYS A 43 -5.54 -4.83 -6.36
CA LYS A 43 -6.79 -4.66 -7.08
C LYS A 43 -7.55 -5.99 -7.07
N PRO A 44 -8.90 -5.89 -7.26
CA PRO A 44 -9.74 -7.07 -7.28
C PRO A 44 -9.58 -7.84 -8.60
N GLY A 1 22.37 -3.41 -5.12
CA GLY A 1 21.42 -4.51 -4.99
C GLY A 1 19.98 -4.00 -5.13
N ILE A 2 19.39 -3.67 -4.00
CA ILE A 2 18.03 -3.17 -3.98
C ILE A 2 17.07 -4.31 -4.38
N ILE A 3 16.45 -4.90 -3.38
CA ILE A 3 15.52 -5.98 -3.61
C ILE A 3 14.14 -5.61 -3.04
N ASN A 4 13.94 -5.98 -1.79
CA ASN A 4 12.68 -5.68 -1.12
C ASN A 4 12.63 -4.20 -0.78
N THR A 5 11.48 -3.60 -1.07
CA THR A 5 11.28 -2.18 -0.79
C THR A 5 9.98 -1.97 -0.03
N LEU A 6 8.87 -2.11 -0.74
CA LEU A 6 7.56 -1.94 -0.13
C LEU A 6 7.57 -2.54 1.27
N GLN A 7 7.27 -1.69 2.25
CA GLN A 7 7.23 -2.13 3.63
C GLN A 7 5.81 -2.01 4.19
N LYS A 8 5.36 -0.78 4.30
CA LYS A 8 4.03 -0.51 4.82
C LYS A 8 3.85 1.00 5.03
N TYR A 9 4.41 1.47 6.13
CA TYR A 9 4.32 2.89 6.46
C TYR A 9 4.47 3.75 5.21
N TYR A 10 5.20 3.21 4.24
CA TYR A 10 5.43 3.91 2.98
C TYR A 10 5.45 2.94 1.81
N CYS A 11 5.00 1.73 2.07
CA CYS A 11 4.96 0.71 1.04
C CYS A 11 4.46 1.34 -0.26
N ARG A 12 5.20 1.11 -1.33
CA ARG A 12 4.84 1.64 -2.63
C ARG A 12 5.02 3.17 -2.64
N VAL A 13 5.49 3.66 -3.77
CA VAL A 13 5.72 5.09 -3.92
C VAL A 13 5.53 5.47 -5.39
N ARG A 14 5.35 6.78 -5.61
CA ARG A 14 5.16 7.29 -6.96
C ARG A 14 3.83 6.78 -7.53
N GLY A 15 2.83 7.65 -7.50
CA GLY A 15 1.52 7.31 -8.01
C GLY A 15 0.50 7.18 -6.88
N ALA A 16 0.87 6.40 -5.87
CA ALA A 16 0.01 6.19 -4.72
C ALA A 16 0.59 5.08 -3.84
N ILE A 17 1.17 5.49 -2.73
CA ILE A 17 1.76 4.55 -1.81
C ILE A 17 0.76 3.43 -1.51
N CYS A 18 -0.51 3.79 -1.52
CA CYS A 18 -1.56 2.83 -1.26
C CYS A 18 -2.83 3.29 -1.99
N HIS A 19 -3.83 2.43 -1.98
CA HIS A 19 -5.09 2.74 -2.63
C HIS A 19 -5.44 4.22 -2.40
N PRO A 20 -5.91 4.87 -3.50
CA PRO A 20 -6.29 6.27 -3.43
C PRO A 20 -7.62 6.45 -2.70
N VAL A 21 -7.69 7.51 -1.92
CA VAL A 21 -8.91 7.81 -1.17
C VAL A 21 -8.97 6.90 0.07
N PHE A 22 -8.99 5.60 -0.20
CA PHE A 22 -9.05 4.63 0.88
C PHE A 22 -8.58 3.26 0.41
N CYS A 23 -9.06 2.22 1.09
CA CYS A 23 -8.68 0.86 0.75
C CYS A 23 -9.89 -0.04 1.03
N PRO A 24 -10.19 -0.91 0.04
CA PRO A 24 -11.31 -1.84 0.17
C PRO A 24 -10.96 -2.99 1.11
N ARG A 25 -11.58 -4.14 0.87
CA ARG A 25 -11.34 -5.31 1.69
C ARG A 25 -11.20 -6.55 0.80
N ARG A 26 -10.59 -7.57 1.37
CA ARG A 26 -10.38 -8.82 0.64
C ARG A 26 -9.21 -8.68 -0.33
N TYR A 27 -8.85 -7.43 -0.59
CA TYR A 27 -7.75 -7.14 -1.50
C TYR A 27 -6.55 -8.06 -1.23
N LYS A 28 -5.60 -7.53 -0.47
CA LYS A 28 -4.41 -8.27 -0.12
C LYS A 28 -3.38 -7.33 0.48
N GLN A 29 -3.65 -6.90 1.70
CA GLN A 29 -2.75 -5.99 2.40
C GLN A 29 -1.30 -6.28 2.02
N ILE A 30 -0.65 -5.26 1.47
CA ILE A 30 0.74 -5.40 1.05
C ILE A 30 1.62 -4.50 1.93
N GLY A 31 1.04 -3.37 2.32
CA GLY A 31 1.75 -2.42 3.16
C GLY A 31 0.88 -1.20 3.49
N THR A 32 0.38 -1.19 4.71
CA THR A 32 -0.47 -0.11 5.16
C THR A 32 0.34 1.19 5.28
N CYS A 33 -0.20 2.25 4.70
CA CYS A 33 0.46 3.54 4.73
C CYS A 33 -0.57 4.59 5.16
N GLY A 34 -0.12 5.84 5.17
CA GLY A 34 -0.98 6.94 5.55
C GLY A 34 -1.88 6.56 6.73
N LEU A 35 -3.18 6.56 6.47
CA LEU A 35 -4.15 6.22 7.50
C LEU A 35 -4.43 4.72 7.44
N PRO A 36 -5.26 4.25 8.42
CA PRO A 36 -5.62 2.85 8.49
C PRO A 36 -6.65 2.50 7.42
N GLY A 37 -6.99 3.50 6.62
CA GLY A 37 -7.96 3.32 5.55
C GLY A 37 -7.27 3.30 4.18
N THR A 38 -5.96 3.47 4.21
CA THR A 38 -5.17 3.48 2.99
C THR A 38 -3.97 2.54 3.12
N LYS A 39 -4.07 1.41 2.44
CA LYS A 39 -2.99 0.42 2.48
C LYS A 39 -2.70 -0.06 1.06
N CYS A 40 -1.59 -0.76 0.93
CA CYS A 40 -1.19 -1.29 -0.37
C CYS A 40 -2.05 -2.51 -0.68
N CYS A 41 -3.19 -2.25 -1.32
CA CYS A 41 -4.11 -3.31 -1.68
C CYS A 41 -4.16 -3.41 -3.21
N LYS A 42 -4.27 -4.63 -3.69
CA LYS A 42 -4.34 -4.87 -5.12
C LYS A 42 -5.66 -4.33 -5.68
N LYS A 43 -5.73 -4.26 -6.99
CA LYS A 43 -6.92 -3.76 -7.66
C LYS A 43 -6.97 -4.30 -9.08
N PRO A 44 -7.36 -5.60 -9.20
CA PRO A 44 -7.45 -6.24 -10.51
C PRO A 44 -8.69 -5.77 -11.27
N GLY A 1 14.42 -7.38 -12.27
CA GLY A 1 14.27 -7.52 -10.84
C GLY A 1 13.01 -6.79 -10.33
N ILE A 2 13.01 -6.50 -9.04
CA ILE A 2 11.88 -5.81 -8.44
C ILE A 2 12.34 -5.14 -7.14
N ILE A 3 11.86 -3.92 -6.95
CA ILE A 3 12.21 -3.16 -5.76
C ILE A 3 11.68 -3.89 -4.52
N ASN A 4 12.43 -3.76 -3.43
CA ASN A 4 12.06 -4.39 -2.18
C ASN A 4 12.16 -3.39 -1.04
N THR A 5 11.71 -2.17 -1.34
CA THR A 5 11.74 -1.10 -0.35
C THR A 5 10.32 -0.74 0.09
N LEU A 6 9.82 -1.49 1.06
CA LEU A 6 8.48 -1.25 1.57
C LEU A 6 8.26 -2.09 2.83
N GLN A 7 7.56 -1.50 3.79
CA GLN A 7 7.28 -2.17 5.04
C GLN A 7 5.80 -1.98 5.42
N LYS A 8 5.39 -0.73 5.44
CA LYS A 8 4.02 -0.40 5.78
C LYS A 8 3.88 1.11 5.96
N TYR A 9 4.24 1.57 7.15
CA TYR A 9 4.18 2.99 7.46
C TYR A 9 4.67 3.83 6.28
N TYR A 10 5.51 3.22 5.48
CA TYR A 10 6.06 3.89 4.31
C TYR A 10 6.22 2.93 3.14
N CYS A 11 5.51 1.81 3.22
CA CYS A 11 5.57 0.81 2.18
C CYS A 11 5.26 1.49 0.84
N ARG A 12 6.33 1.85 0.14
CA ARG A 12 6.20 2.51 -1.14
C ARG A 12 6.15 1.48 -2.27
N VAL A 13 6.00 1.97 -3.49
CA VAL A 13 5.93 1.10 -4.65
C VAL A 13 5.87 1.96 -5.91
N ARG A 14 5.11 3.04 -5.82
CA ARG A 14 4.96 3.93 -6.95
C ARG A 14 4.08 5.12 -6.57
N GLY A 15 4.75 6.24 -6.29
CA GLY A 15 4.04 7.46 -5.90
C GLY A 15 3.18 7.23 -4.66
N ALA A 16 2.01 7.85 -4.66
CA ALA A 16 1.09 7.71 -3.54
C ALA A 16 0.99 6.24 -3.14
N ILE A 17 1.64 5.92 -2.03
CA ILE A 17 1.63 4.56 -1.53
C ILE A 17 0.22 4.20 -1.05
N CYS A 18 -0.05 2.91 -1.02
CA CYS A 18 -1.36 2.43 -0.58
C CYS A 18 -2.42 3.01 -1.52
N HIS A 19 -3.51 2.28 -1.64
CA HIS A 19 -4.61 2.72 -2.50
C HIS A 19 -4.98 4.16 -2.15
N PRO A 20 -5.21 4.96 -3.23
CA PRO A 20 -5.56 6.36 -3.07
C PRO A 20 -7.02 6.51 -2.60
N VAL A 21 -7.22 7.44 -1.68
CA VAL A 21 -8.55 7.69 -1.15
C VAL A 21 -8.85 6.67 -0.06
N PHE A 22 -8.72 5.40 -0.42
CA PHE A 22 -8.97 4.31 0.52
C PHE A 22 -8.43 2.99 -0.02
N CYS A 23 -8.64 1.95 0.77
CA CYS A 23 -8.19 0.61 0.39
C CYS A 23 -9.40 -0.30 0.25
N PRO A 24 -9.42 -1.06 -0.88
CA PRO A 24 -10.52 -1.98 -1.14
C PRO A 24 -10.43 -3.21 -0.26
N ARG A 25 -10.95 -4.32 -0.77
CA ARG A 25 -10.93 -5.57 -0.04
C ARG A 25 -10.49 -6.71 -0.96
N ARG A 26 -10.02 -7.78 -0.34
CA ARG A 26 -9.56 -8.94 -1.07
C ARG A 26 -8.23 -8.64 -1.77
N TYR A 27 -7.86 -7.36 -1.73
CA TYR A 27 -6.62 -6.93 -2.34
C TYR A 27 -5.45 -7.83 -1.91
N LYS A 28 -4.69 -7.33 -0.95
CA LYS A 28 -3.55 -8.08 -0.45
C LYS A 28 -2.61 -7.12 0.30
N GLN A 29 -2.84 -7.00 1.59
CA GLN A 29 -2.03 -6.12 2.42
C GLN A 29 -0.54 -6.30 2.09
N ILE A 30 0.11 -5.19 1.81
CA ILE A 30 1.52 -5.21 1.48
C ILE A 30 2.25 -4.13 2.28
N GLY A 31 1.51 -3.52 3.19
CA GLY A 31 2.08 -2.48 4.03
C GLY A 31 1.08 -1.33 4.22
N THR A 32 0.53 -1.25 5.42
CA THR A 32 -0.43 -0.21 5.75
C THR A 32 0.28 1.13 5.98
N CYS A 33 -0.29 2.18 5.39
CA CYS A 33 0.28 3.50 5.53
C CYS A 33 -0.84 4.46 5.94
N GLY A 34 -0.42 5.57 6.54
CA GLY A 34 -1.38 6.57 6.99
C GLY A 34 -2.41 5.96 7.94
N LEU A 35 -3.62 5.78 7.42
CA LEU A 35 -4.70 5.20 8.20
C LEU A 35 -4.90 3.75 7.78
N PRO A 36 -5.80 3.05 8.54
CA PRO A 36 -6.10 1.67 8.26
C PRO A 36 -7.00 1.53 7.03
N GLY A 37 -7.29 2.68 6.43
CA GLY A 37 -8.13 2.71 5.25
C GLY A 37 -7.30 2.92 3.98
N THR A 38 -5.99 3.02 4.18
CA THR A 38 -5.08 3.22 3.08
C THR A 38 -3.79 2.40 3.29
N LYS A 39 -3.83 1.17 2.79
CA LYS A 39 -2.69 0.29 2.91
C LYS A 39 -2.22 -0.13 1.51
N CYS A 40 -1.09 -0.83 1.49
CA CYS A 40 -0.53 -1.29 0.23
C CYS A 40 -1.38 -2.46 -0.28
N CYS A 41 -2.39 -2.12 -1.05
CA CYS A 41 -3.28 -3.12 -1.62
C CYS A 41 -3.03 -3.20 -3.13
N LYS A 42 -3.27 -4.38 -3.67
CA LYS A 42 -3.08 -4.60 -5.09
C LYS A 42 -4.08 -3.76 -5.87
N LYS A 43 -4.01 -3.88 -7.19
CA LYS A 43 -4.90 -3.13 -8.07
C LYS A 43 -5.91 -4.10 -8.70
N PRO A 44 -7.04 -3.52 -9.17
CA PRO A 44 -8.08 -4.30 -9.80
C PRO A 44 -7.68 -4.74 -11.20
N GLY A 1 22.07 -6.33 -1.49
CA GLY A 1 20.62 -6.40 -1.51
C GLY A 1 20.02 -5.18 -2.20
N ILE A 2 18.94 -4.68 -1.61
CA ILE A 2 18.26 -3.51 -2.16
C ILE A 2 17.51 -2.80 -1.04
N ILE A 3 17.72 -1.49 -0.97
CA ILE A 3 17.08 -0.67 0.04
C ILE A 3 16.04 0.23 -0.62
N ASN A 4 15.54 -0.23 -1.76
CA ASN A 4 14.54 0.52 -2.50
C ASN A 4 13.40 -0.42 -2.92
N THR A 5 12.53 -0.70 -1.97
CA THR A 5 11.40 -1.57 -2.22
C THR A 5 10.26 -1.28 -1.24
N LEU A 6 9.04 -1.41 -1.75
CA LEU A 6 7.86 -1.17 -0.93
C LEU A 6 8.11 -1.71 0.48
N GLN A 7 7.71 -0.91 1.46
CA GLN A 7 7.87 -1.29 2.85
C GLN A 7 6.53 -1.26 3.58
N LYS A 8 5.87 -0.12 3.49
CA LYS A 8 4.57 0.06 4.13
C LYS A 8 4.18 1.53 4.08
N TYR A 9 4.69 2.29 5.03
CA TYR A 9 4.40 3.71 5.10
C TYR A 9 4.45 4.35 3.71
N TYR A 10 5.18 3.70 2.82
CA TYR A 10 5.31 4.19 1.46
C TYR A 10 5.37 3.03 0.46
N CYS A 11 4.94 1.87 0.93
CA CYS A 11 4.96 0.68 0.09
C CYS A 11 4.31 1.03 -1.26
N ARG A 12 5.17 1.24 -2.25
CA ARG A 12 4.70 1.59 -3.58
C ARG A 12 4.24 0.33 -4.32
N VAL A 13 4.35 0.39 -5.64
CA VAL A 13 3.96 -0.73 -6.48
C VAL A 13 2.44 -0.84 -6.50
N ARG A 14 1.91 -1.05 -7.69
CA ARG A 14 0.46 -1.17 -7.87
C ARG A 14 -0.16 0.22 -7.99
N GLY A 15 0.64 1.16 -8.44
CA GLY A 15 0.17 2.53 -8.61
C GLY A 15 -0.24 3.14 -7.27
N ALA A 16 0.56 4.11 -6.82
CA ALA A 16 0.29 4.78 -5.57
C ALA A 16 0.34 3.75 -4.42
N ILE A 17 0.85 4.22 -3.29
CA ILE A 17 0.97 3.36 -2.13
C ILE A 17 -0.42 2.98 -1.62
N CYS A 18 -0.53 2.83 -0.31
CA CYS A 18 -1.79 2.49 0.31
C CYS A 18 -2.92 3.17 -0.48
N HIS A 19 -4.04 2.47 -0.57
CA HIS A 19 -5.19 3.00 -1.28
C HIS A 19 -5.52 4.40 -0.75
N PRO A 20 -5.83 5.31 -1.72
CA PRO A 20 -6.16 6.68 -1.37
C PRO A 20 -7.58 6.77 -0.80
N VAL A 21 -7.72 7.62 0.21
CA VAL A 21 -9.02 7.80 0.86
C VAL A 21 -9.24 6.66 1.85
N PHE A 22 -9.15 5.45 1.35
CA PHE A 22 -9.35 4.28 2.18
C PHE A 22 -8.83 3.01 1.49
N CYS A 23 -9.01 1.89 2.16
CA CYS A 23 -8.57 0.61 1.62
C CYS A 23 -9.78 -0.30 1.47
N PRO A 24 -9.90 -0.91 0.26
CA PRO A 24 -11.01 -1.81 -0.02
C PRO A 24 -10.83 -3.15 0.69
N ARG A 25 -11.40 -4.18 0.09
CA ARG A 25 -11.31 -5.52 0.64
C ARG A 25 -10.91 -6.52 -0.44
N ARG A 26 -10.37 -7.65 0.01
CA ARG A 26 -9.95 -8.70 -0.91
C ARG A 26 -8.70 -8.26 -1.67
N TYR A 27 -8.35 -6.99 -1.50
CA TYR A 27 -7.19 -6.43 -2.16
C TYR A 27 -5.96 -7.34 -1.98
N LYS A 28 -5.12 -6.97 -1.02
CA LYS A 28 -3.92 -7.73 -0.74
C LYS A 28 -2.94 -6.86 0.04
N GLN A 29 -3.00 -6.97 1.36
CA GLN A 29 -2.14 -6.21 2.22
C GLN A 29 -0.67 -6.38 1.79
N ILE A 30 -0.05 -5.26 1.48
CA ILE A 30 1.34 -5.26 1.05
C ILE A 30 2.09 -4.13 1.76
N GLY A 31 1.43 -3.54 2.73
CA GLY A 31 2.03 -2.45 3.49
C GLY A 31 0.95 -1.65 4.24
N THR A 32 1.35 -0.48 4.71
CA THR A 32 0.44 0.38 5.45
C THR A 32 0.92 1.83 5.41
N CYS A 33 0.04 2.69 4.93
CA CYS A 33 0.35 4.10 4.84
C CYS A 33 -0.81 4.91 5.41
N GLY A 34 -0.52 5.64 6.47
CA GLY A 34 -1.54 6.46 7.13
C GLY A 34 -2.17 5.70 8.29
N LEU A 35 -3.48 5.55 8.22
CA LEU A 35 -4.22 4.85 9.25
C LEU A 35 -4.51 3.42 8.80
N PRO A 36 -5.29 2.69 9.65
CA PRO A 36 -5.63 1.31 9.34
C PRO A 36 -6.71 1.25 8.25
N GLY A 37 -7.09 2.43 7.76
CA GLY A 37 -8.10 2.52 6.73
C GLY A 37 -7.44 2.72 5.35
N THR A 38 -6.13 2.86 5.37
CA THR A 38 -5.39 3.06 4.14
C THR A 38 -4.06 2.28 4.18
N LYS A 39 -4.13 1.05 3.69
CA LYS A 39 -2.96 0.19 3.66
C LYS A 39 -2.62 -0.16 2.21
N CYS A 40 -1.49 -0.84 2.04
CA CYS A 40 -1.05 -1.25 0.73
C CYS A 40 -1.99 -2.33 0.21
N CYS A 41 -2.91 -1.93 -0.65
CA CYS A 41 -3.88 -2.85 -1.22
C CYS A 41 -3.87 -2.68 -2.74
N LYS A 42 -4.25 -3.74 -3.42
CA LYS A 42 -4.29 -3.74 -4.88
C LYS A 42 -5.23 -2.61 -5.34
N LYS A 43 -4.68 -1.75 -6.19
CA LYS A 43 -5.46 -0.64 -6.72
C LYS A 43 -6.69 -1.18 -7.46
N PRO A 44 -6.42 -2.13 -8.39
CA PRO A 44 -7.48 -2.73 -9.17
C PRO A 44 -8.28 -3.74 -8.32
N GLY A 1 18.69 3.60 -4.98
CA GLY A 1 19.47 2.95 -3.95
C GLY A 1 19.00 1.50 -3.74
N ILE A 2 17.73 1.37 -3.41
CA ILE A 2 17.14 0.06 -3.18
C ILE A 2 15.71 0.05 -3.72
N ILE A 3 15.34 -1.07 -4.31
CA ILE A 3 14.00 -1.23 -4.86
C ILE A 3 13.52 -2.66 -4.60
N ASN A 4 12.21 -2.78 -4.45
CA ASN A 4 11.60 -4.07 -4.20
C ASN A 4 11.75 -4.42 -2.71
N THR A 5 11.25 -3.53 -1.87
CA THR A 5 11.33 -3.73 -0.44
C THR A 5 9.92 -3.76 0.17
N LEU A 6 9.14 -2.74 -0.16
CA LEU A 6 7.78 -2.64 0.35
C LEU A 6 7.78 -2.89 1.86
N GLN A 7 7.84 -1.81 2.61
CA GLN A 7 7.85 -1.90 4.06
C GLN A 7 6.41 -2.01 4.59
N LYS A 8 5.78 -0.86 4.72
CA LYS A 8 4.41 -0.81 5.21
C LYS A 8 3.95 0.65 5.27
N TYR A 9 4.37 1.33 6.33
CA TYR A 9 4.01 2.72 6.52
C TYR A 9 4.12 3.50 5.21
N TYR A 10 4.97 3.00 4.33
CA TYR A 10 5.18 3.63 3.04
C TYR A 10 5.43 2.59 1.95
N CYS A 11 5.15 1.34 2.28
CA CYS A 11 5.34 0.25 1.36
C CYS A 11 4.91 0.72 -0.03
N ARG A 12 5.89 0.87 -0.91
CA ARG A 12 5.62 1.31 -2.27
C ARG A 12 6.45 0.49 -3.27
N VAL A 13 5.79 0.09 -4.34
CA VAL A 13 6.45 -0.70 -5.37
C VAL A 13 6.53 0.12 -6.65
N ARG A 14 5.77 1.21 -6.67
CA ARG A 14 5.75 2.09 -7.83
C ARG A 14 4.78 3.25 -7.60
N GLY A 15 3.49 2.92 -7.61
CA GLY A 15 2.46 3.91 -7.41
C GLY A 15 2.27 4.22 -5.92
N ALA A 16 1.25 5.00 -5.63
CA ALA A 16 0.95 5.37 -4.26
C ALA A 16 1.16 4.15 -3.35
N ILE A 17 1.95 4.36 -2.31
CA ILE A 17 2.23 3.29 -1.36
C ILE A 17 0.94 2.57 -1.01
N CYS A 18 -0.10 3.35 -0.77
CA CYS A 18 -1.39 2.80 -0.42
C CYS A 18 -2.45 3.47 -1.30
N HIS A 19 -3.60 2.81 -1.41
CA HIS A 19 -4.69 3.33 -2.21
C HIS A 19 -4.91 4.81 -1.89
N PRO A 20 -5.11 5.60 -2.97
CA PRO A 20 -5.34 7.04 -2.81
C PRO A 20 -6.74 7.31 -2.29
N VAL A 21 -6.82 8.25 -1.36
CA VAL A 21 -8.09 8.63 -0.77
C VAL A 21 -8.44 7.65 0.36
N PHE A 22 -8.48 6.38 0.00
CA PHE A 22 -8.79 5.35 0.97
C PHE A 22 -8.41 3.96 0.43
N CYS A 23 -8.75 2.95 1.22
CA CYS A 23 -8.45 1.58 0.83
C CYS A 23 -9.76 0.80 0.76
N PRO A 24 -9.94 0.08 -0.39
CA PRO A 24 -11.14 -0.70 -0.61
C PRO A 24 -11.12 -1.98 0.23
N ARG A 25 -11.81 -2.99 -0.27
CA ARG A 25 -11.88 -4.26 0.43
C ARG A 25 -11.58 -5.41 -0.54
N ARG A 26 -11.25 -6.55 0.03
CA ARG A 26 -10.93 -7.74 -0.76
C ARG A 26 -9.62 -7.53 -1.52
N TYR A 27 -9.11 -6.31 -1.43
CA TYR A 27 -7.86 -5.96 -2.10
C TYR A 27 -6.76 -6.96 -1.73
N LYS A 28 -5.90 -6.54 -0.81
CA LYS A 28 -4.80 -7.37 -0.37
C LYS A 28 -3.76 -6.50 0.35
N GLN A 29 -3.80 -6.58 1.68
CA GLN A 29 -2.87 -5.81 2.49
C GLN A 29 -1.42 -6.16 2.12
N ILE A 30 -0.69 -5.15 1.66
CA ILE A 30 0.69 -5.33 1.28
C ILE A 30 1.58 -4.47 2.16
N GLY A 31 0.93 -3.61 2.95
CA GLY A 31 1.66 -2.71 3.84
C GLY A 31 0.81 -1.49 4.17
N THR A 32 0.45 -1.38 5.44
CA THR A 32 -0.35 -0.26 5.91
C THR A 32 0.46 1.03 5.86
N CYS A 33 -0.16 2.06 5.31
CA CYS A 33 0.50 3.36 5.20
C CYS A 33 -0.14 4.31 6.22
N GLY A 34 -0.61 3.71 7.31
CA GLY A 34 -1.24 4.48 8.37
C GLY A 34 -2.33 3.68 9.07
N LEU A 35 -3.53 3.76 8.52
CA LEU A 35 -4.67 3.05 9.08
C LEU A 35 -5.16 2.01 8.06
N PRO A 36 -6.24 1.29 8.46
CA PRO A 36 -6.83 0.28 7.60
C PRO A 36 -7.62 0.92 6.46
N GLY A 37 -7.59 2.25 6.43
CA GLY A 37 -8.31 2.99 5.41
C GLY A 37 -7.36 3.42 4.28
N THR A 38 -6.08 3.17 4.50
CA THR A 38 -5.07 3.52 3.53
C THR A 38 -3.85 2.62 3.66
N LYS A 39 -3.91 1.49 2.97
CA LYS A 39 -2.81 0.53 3.01
C LYS A 39 -2.48 0.09 1.58
N CYS A 40 -1.44 -0.73 1.48
CA CYS A 40 -1.00 -1.23 0.19
C CYS A 40 -2.01 -2.27 -0.29
N CYS A 41 -3.07 -1.78 -0.91
CA CYS A 41 -4.12 -2.66 -1.42
C CYS A 41 -4.02 -2.69 -2.95
N LYS A 42 -4.05 -3.91 -3.49
CA LYS A 42 -3.97 -4.09 -4.92
C LYS A 42 -4.91 -5.21 -5.35
N LYS A 43 -5.83 -4.87 -6.25
CA LYS A 43 -6.80 -5.84 -6.74
C LYS A 43 -6.04 -7.07 -7.27
N PRO A 44 -5.11 -6.82 -8.23
CA PRO A 44 -4.33 -7.89 -8.80
C PRO A 44 -3.25 -8.37 -7.84
N GLY A 1 20.17 -0.75 -5.42
CA GLY A 1 20.24 -1.65 -4.27
C GLY A 1 18.84 -1.95 -3.73
N ILE A 2 18.37 -1.07 -2.87
CA ILE A 2 17.05 -1.22 -2.26
C ILE A 2 16.29 0.11 -2.35
N ILE A 3 15.64 0.31 -3.49
CA ILE A 3 14.88 1.53 -3.71
C ILE A 3 13.49 1.16 -4.24
N ASN A 4 12.51 1.27 -3.36
CA ASN A 4 11.14 0.96 -3.73
C ASN A 4 11.04 -0.51 -4.13
N THR A 5 10.36 -1.29 -3.30
CA THR A 5 10.20 -2.71 -3.56
C THR A 5 8.87 -3.21 -2.98
N LEU A 6 8.77 -3.10 -1.65
CA LEU A 6 7.56 -3.53 -0.97
C LEU A 6 7.86 -3.67 0.53
N GLN A 7 6.93 -3.20 1.33
CA GLN A 7 7.07 -3.28 2.78
C GLN A 7 5.77 -2.87 3.47
N LYS A 8 5.44 -1.60 3.33
CA LYS A 8 4.23 -1.07 3.94
C LYS A 8 4.21 0.44 3.80
N TYR A 9 4.88 1.11 4.73
CA TYR A 9 4.96 2.56 4.73
C TYR A 9 5.17 3.08 3.31
N TYR A 10 5.73 2.23 2.46
CA TYR A 10 6.00 2.60 1.08
C TYR A 10 5.77 1.41 0.15
N CYS A 11 5.09 0.41 0.67
CA CYS A 11 4.78 -0.79 -0.10
C CYS A 11 4.28 -0.35 -1.48
N ARG A 12 4.32 -1.28 -2.41
CA ARG A 12 3.87 -1.01 -3.77
C ARG A 12 4.76 0.04 -4.42
N VAL A 13 5.93 0.24 -3.83
CA VAL A 13 6.87 1.21 -4.33
C VAL A 13 6.25 2.61 -4.26
N ARG A 14 7.07 3.56 -3.85
CA ARG A 14 6.61 4.94 -3.72
C ARG A 14 5.74 5.31 -4.93
N GLY A 15 4.95 6.35 -4.74
CA GLY A 15 4.06 6.82 -5.79
C GLY A 15 2.68 6.19 -5.67
N ALA A 16 2.44 5.20 -6.52
CA ALA A 16 1.16 4.50 -6.52
C ALA A 16 1.20 3.39 -5.48
N ILE A 17 1.62 3.74 -4.28
CA ILE A 17 1.71 2.78 -3.19
C ILE A 17 0.30 2.25 -2.88
N CYS A 18 0.05 2.11 -1.58
CA CYS A 18 -1.24 1.62 -1.13
C CYS A 18 -2.33 2.29 -1.96
N HIS A 19 -3.51 1.70 -1.92
CA HIS A 19 -4.64 2.22 -2.66
C HIS A 19 -4.75 3.74 -2.46
N PRO A 20 -4.99 4.46 -3.58
CA PRO A 20 -5.11 5.91 -3.52
C PRO A 20 -6.44 6.33 -2.92
N VAL A 21 -6.40 7.41 -2.16
CA VAL A 21 -7.60 7.92 -1.51
C VAL A 21 -7.91 7.07 -0.28
N PHE A 22 -8.07 5.78 -0.52
CA PHE A 22 -8.37 4.84 0.56
C PHE A 22 -8.10 3.40 0.13
N CYS A 23 -8.63 2.48 0.90
CA CYS A 23 -8.45 1.06 0.62
C CYS A 23 -9.81 0.37 0.76
N PRO A 24 -10.11 -0.51 -0.24
CA PRO A 24 -11.36 -1.23 -0.24
C PRO A 24 -11.34 -2.37 0.79
N ARG A 25 -12.11 -3.40 0.49
CA ARG A 25 -12.19 -4.55 1.38
C ARG A 25 -12.07 -5.85 0.59
N ARG A 26 -11.76 -6.92 1.30
CA ARG A 26 -11.61 -8.22 0.67
C ARG A 26 -10.37 -8.25 -0.21
N TYR A 27 -9.75 -7.08 -0.34
CA TYR A 27 -8.54 -6.96 -1.15
C TYR A 27 -7.47 -7.96 -0.70
N LYS A 28 -6.50 -7.44 0.04
CA LYS A 28 -5.42 -8.27 0.54
C LYS A 28 -4.32 -7.38 1.12
N GLN A 29 -4.17 -7.47 2.44
CA GLN A 29 -3.17 -6.68 3.13
C GLN A 29 -1.77 -7.05 2.63
N ILE A 30 -1.04 -6.03 2.20
CA ILE A 30 0.31 -6.23 1.70
C ILE A 30 1.18 -5.03 2.08
N GLY A 31 0.69 -4.27 3.04
CA GLY A 31 1.40 -3.08 3.50
C GLY A 31 0.44 -2.06 4.11
N THR A 32 1.01 -0.97 4.58
CA THR A 32 0.22 0.09 5.18
C THR A 32 0.97 1.42 5.13
N CYS A 33 0.43 2.35 4.34
CA CYS A 33 1.04 3.65 4.19
C CYS A 33 0.00 4.71 4.55
N GLY A 34 0.45 5.96 4.53
CA GLY A 34 -0.43 7.07 4.85
C GLY A 34 -1.34 6.73 6.03
N LEU A 35 -2.58 7.17 5.92
CA LEU A 35 -3.56 6.91 6.98
C LEU A 35 -3.89 5.42 7.00
N PRO A 36 -4.74 5.04 7.99
CA PRO A 36 -5.14 3.65 8.14
C PRO A 36 -6.14 3.24 7.07
N GLY A 37 -6.45 4.19 6.20
CA GLY A 37 -7.39 3.95 5.13
C GLY A 37 -6.67 3.73 3.80
N THR A 38 -5.35 3.85 3.84
CA THR A 38 -4.52 3.66 2.66
C THR A 38 -3.47 2.58 2.91
N LYS A 39 -3.86 1.34 2.66
CA LYS A 39 -2.95 0.23 2.86
C LYS A 39 -2.69 -0.45 1.51
N CYS A 40 -1.68 -1.31 1.50
CA CYS A 40 -1.31 -2.02 0.29
C CYS A 40 -2.32 -3.15 0.07
N CYS A 41 -3.31 -2.86 -0.77
CA CYS A 41 -4.34 -3.84 -1.07
C CYS A 41 -4.18 -4.27 -2.53
N LYS A 42 -4.38 -5.57 -2.75
CA LYS A 42 -4.25 -6.13 -4.08
C LYS A 42 -5.53 -5.85 -4.87
N LYS A 43 -5.35 -5.49 -6.13
CA LYS A 43 -6.48 -5.19 -7.00
C LYS A 43 -5.97 -4.58 -8.30
N PRO A 44 -5.23 -3.44 -8.15
CA PRO A 44 -4.67 -2.75 -9.31
C PRO A 44 -3.47 -3.50 -9.88
N GLY A 1 15.82 6.93 -6.54
CA GLY A 1 14.81 6.49 -5.58
C GLY A 1 15.20 5.14 -4.95
N ILE A 2 16.51 4.87 -4.98
CA ILE A 2 17.02 3.64 -4.42
C ILE A 2 16.16 2.46 -4.89
N ILE A 3 16.39 1.32 -4.28
CA ILE A 3 15.65 0.12 -4.62
C ILE A 3 15.19 -0.57 -3.33
N ASN A 4 13.89 -0.50 -3.08
CA ASN A 4 13.32 -1.12 -1.90
C ASN A 4 12.07 -1.92 -2.29
N THR A 5 11.90 -3.06 -1.63
CA THR A 5 10.78 -3.92 -1.91
C THR A 5 9.49 -3.31 -1.34
N LEU A 6 9.06 -3.86 -0.21
CA LEU A 6 7.85 -3.38 0.44
C LEU A 6 7.67 -4.11 1.77
N GLN A 7 7.22 -3.36 2.77
CA GLN A 7 7.00 -3.92 4.08
C GLN A 7 5.59 -3.58 4.58
N LYS A 8 5.29 -2.28 4.56
CA LYS A 8 3.99 -1.81 5.01
C LYS A 8 4.03 -0.29 5.16
N TYR A 9 4.49 0.16 6.31
CA TYR A 9 4.58 1.58 6.58
C TYR A 9 5.14 2.34 5.37
N TYR A 10 5.85 1.60 4.52
CA TYR A 10 6.43 2.19 3.33
C TYR A 10 6.39 1.20 2.17
N CYS A 11 5.54 0.19 2.31
CA CYS A 11 5.41 -0.82 1.27
C CYS A 11 5.08 -0.12 -0.05
N ARG A 12 6.07 -0.10 -0.92
CA ARG A 12 5.90 0.54 -2.23
C ARG A 12 5.22 -0.43 -3.20
N VAL A 13 5.01 0.06 -4.42
CA VAL A 13 4.37 -0.75 -5.44
C VAL A 13 4.57 -0.07 -6.81
N ARG A 14 4.09 1.15 -6.91
CA ARG A 14 4.21 1.91 -8.15
C ARG A 14 4.33 3.40 -7.84
N GLY A 15 3.17 4.07 -7.82
CA GLY A 15 3.14 5.48 -7.55
C GLY A 15 3.35 5.77 -6.06
N ALA A 16 2.29 5.55 -5.29
CA ALA A 16 2.35 5.77 -3.86
C ALA A 16 2.76 4.47 -3.16
N ILE A 17 2.61 4.47 -1.85
CA ILE A 17 2.95 3.30 -1.04
C ILE A 17 1.72 2.39 -0.93
N CYS A 18 0.56 3.04 -0.81
CA CYS A 18 -0.69 2.31 -0.68
C CYS A 18 -1.72 2.96 -1.61
N HIS A 19 -2.85 2.28 -1.75
CA HIS A 19 -3.92 2.79 -2.60
C HIS A 19 -4.06 4.30 -2.39
N PRO A 20 -4.24 5.01 -3.54
CA PRO A 20 -4.39 6.46 -3.51
C PRO A 20 -5.78 6.85 -3.00
N VAL A 21 -5.80 7.91 -2.21
CA VAL A 21 -7.06 8.41 -1.66
C VAL A 21 -7.46 7.54 -0.47
N PHE A 22 -7.61 6.24 -0.74
CA PHE A 22 -7.98 5.31 0.30
C PHE A 22 -7.67 3.87 -0.12
N CYS A 23 -8.40 2.94 0.48
CA CYS A 23 -8.20 1.53 0.18
C CYS A 23 -9.55 0.82 0.26
N PRO A 24 -9.86 0.02 -0.79
CA PRO A 24 -11.11 -0.71 -0.83
C PRO A 24 -11.09 -1.91 0.12
N ARG A 25 -11.89 -2.90 -0.21
CA ARG A 25 -11.97 -4.10 0.61
C ARG A 25 -11.92 -5.35 -0.28
N ARG A 26 -11.60 -6.48 0.36
CA ARG A 26 -11.51 -7.74 -0.36
C ARG A 26 -10.26 -7.75 -1.24
N TYR A 27 -9.64 -6.60 -1.36
CA TYR A 27 -8.44 -6.47 -2.17
C TYR A 27 -7.40 -7.53 -1.79
N LYS A 28 -6.41 -7.10 -1.02
CA LYS A 28 -5.36 -8.00 -0.59
C LYS A 28 -4.31 -7.21 0.21
N GLN A 29 -4.29 -7.48 1.50
CA GLN A 29 -3.36 -6.79 2.39
C GLN A 29 -1.92 -7.13 1.98
N ILE A 30 -1.15 -6.09 1.72
CA ILE A 30 0.24 -6.26 1.33
C ILE A 30 1.10 -5.19 2.02
N GLY A 31 0.50 -4.55 3.00
CA GLY A 31 1.18 -3.51 3.75
C GLY A 31 0.20 -2.46 4.27
N THR A 32 0.73 -1.54 5.07
CA THR A 32 -0.09 -0.49 5.63
C THR A 32 0.74 0.80 5.81
N CYS A 33 0.26 1.86 5.20
CA CYS A 33 0.94 3.14 5.28
C CYS A 33 -0.09 4.21 5.61
N GLY A 34 0.39 5.44 5.69
CA GLY A 34 -0.48 6.57 6.01
C GLY A 34 -1.54 6.17 7.04
N LEU A 35 -2.71 6.77 6.91
CA LEU A 35 -3.81 6.49 7.82
C LEU A 35 -4.19 5.01 7.70
N PRO A 36 -5.17 4.61 8.57
CA PRO A 36 -5.63 3.23 8.57
C PRO A 36 -6.54 2.95 7.37
N GLY A 37 -6.69 3.97 6.54
CA GLY A 37 -7.52 3.86 5.35
C GLY A 37 -6.67 3.68 4.10
N THR A 38 -5.36 3.72 4.31
CA THR A 38 -4.42 3.58 3.20
C THR A 38 -3.49 2.39 3.45
N LYS A 39 -3.77 1.30 2.77
CA LYS A 39 -2.96 0.10 2.90
C LYS A 39 -2.51 -0.37 1.52
N CYS A 40 -1.57 -1.31 1.52
CA CYS A 40 -1.05 -1.84 0.28
C CYS A 40 -2.01 -2.90 -0.24
N CYS A 41 -3.03 -2.44 -0.95
CA CYS A 41 -4.03 -3.33 -1.51
C CYS A 41 -3.80 -3.42 -3.02
N LYS A 42 -3.93 -4.63 -3.53
CA LYS A 42 -3.74 -4.87 -4.95
C LYS A 42 -4.99 -5.56 -5.52
N LYS A 43 -4.94 -5.81 -6.82
CA LYS A 43 -6.06 -6.45 -7.49
C LYS A 43 -5.69 -6.69 -8.96
N PRO A 44 -5.01 -7.84 -9.20
CA PRO A 44 -4.60 -8.20 -10.56
C PRO A 44 -5.79 -8.69 -11.38
N GLY A 1 20.20 2.66 -7.22
CA GLY A 1 19.86 2.23 -5.87
C GLY A 1 18.40 2.54 -5.55
N ILE A 2 17.52 1.78 -6.19
CA ILE A 2 16.09 1.95 -5.98
C ILE A 2 15.45 0.59 -5.71
N ILE A 3 15.91 -0.05 -4.64
CA ILE A 3 15.39 -1.36 -4.28
C ILE A 3 14.08 -1.18 -3.52
N ASN A 4 14.22 -0.97 -2.21
CA ASN A 4 13.05 -0.79 -1.36
C ASN A 4 12.32 -2.12 -1.20
N THR A 5 12.46 -2.70 -0.02
CA THR A 5 11.83 -3.97 0.27
C THR A 5 10.44 -3.75 0.88
N LEU A 6 9.43 -4.23 0.16
CA LEU A 6 8.06 -4.08 0.62
C LEU A 6 8.01 -4.26 2.13
N GLN A 7 7.55 -3.20 2.80
CA GLN A 7 7.45 -3.22 4.25
C GLN A 7 6.00 -2.97 4.68
N LYS A 8 5.53 -1.77 4.38
CA LYS A 8 4.17 -1.40 4.74
C LYS A 8 3.98 0.10 4.50
N TYR A 9 4.45 0.88 5.46
CA TYR A 9 4.34 2.33 5.37
C TYR A 9 4.74 2.82 3.98
N TYR A 10 5.48 1.97 3.28
CA TYR A 10 5.93 2.31 1.94
C TYR A 10 5.98 1.07 1.05
N CYS A 11 5.32 0.01 1.51
CA CYS A 11 5.28 -1.23 0.77
C CYS A 11 5.07 -0.91 -0.71
N ARG A 12 4.38 0.21 -0.94
CA ARG A 12 4.09 0.64 -2.30
C ARG A 12 4.64 2.05 -2.53
N VAL A 13 5.96 2.14 -2.65
CA VAL A 13 6.60 3.42 -2.88
C VAL A 13 6.37 3.86 -4.32
N ARG A 14 6.53 2.92 -5.23
CA ARG A 14 6.34 3.19 -6.65
C ARG A 14 5.14 4.11 -6.85
N GLY A 15 3.96 3.51 -6.78
CA GLY A 15 2.72 4.27 -6.95
C GLY A 15 2.37 5.03 -5.67
N ALA A 16 1.66 4.34 -4.79
CA ALA A 16 1.25 4.94 -3.53
C ALA A 16 1.45 3.93 -2.40
N ILE A 17 2.14 4.36 -1.37
CA ILE A 17 2.41 3.51 -0.22
C ILE A 17 1.16 2.66 0.07
N CYS A 18 0.01 3.30 -0.05
CA CYS A 18 -1.25 2.62 0.20
C CYS A 18 -2.30 3.19 -0.75
N HIS A 19 -3.38 2.44 -0.91
CA HIS A 19 -4.46 2.86 -1.80
C HIS A 19 -4.80 4.33 -1.52
N PRO A 20 -5.02 5.08 -2.64
CA PRO A 20 -5.34 6.49 -2.53
C PRO A 20 -6.79 6.68 -2.08
N VAL A 21 -6.99 7.69 -1.25
CA VAL A 21 -8.32 7.98 -0.74
C VAL A 21 -8.66 7.00 0.39
N PHE A 22 -8.58 5.72 0.06
CA PHE A 22 -8.87 4.68 1.03
C PHE A 22 -8.35 3.32 0.55
N CYS A 23 -8.95 2.27 1.08
CA CYS A 23 -8.56 0.92 0.73
C CYS A 23 -9.82 0.04 0.71
N PRO A 24 -9.97 -0.71 -0.41
CA PRO A 24 -11.11 -1.59 -0.56
C PRO A 24 -10.97 -2.85 0.31
N ARG A 25 -11.62 -3.91 -0.13
CA ARG A 25 -11.56 -5.17 0.61
C ARG A 25 -11.30 -6.33 -0.37
N ARG A 26 -10.81 -7.43 0.20
CA ARG A 26 -10.51 -8.60 -0.60
C ARG A 26 -9.30 -8.35 -1.49
N TYR A 27 -8.88 -7.09 -1.52
CA TYR A 27 -7.73 -6.71 -2.32
C TYR A 27 -6.57 -7.68 -2.11
N LYS A 28 -5.65 -7.28 -1.26
CA LYS A 28 -4.48 -8.10 -0.96
C LYS A 28 -3.58 -7.35 0.03
N GLN A 29 -3.77 -7.66 1.30
CA GLN A 29 -2.98 -7.03 2.35
C GLN A 29 -1.49 -7.35 2.16
N ILE A 30 -0.78 -6.37 1.61
CA ILE A 30 0.64 -6.53 1.37
C ILE A 30 1.42 -5.63 2.33
N GLY A 31 0.73 -4.61 2.84
CA GLY A 31 1.34 -3.68 3.77
C GLY A 31 0.29 -2.72 4.35
N THR A 32 0.79 -1.71 5.04
CA THR A 32 -0.08 -0.72 5.66
C THR A 32 0.65 0.62 5.80
N CYS A 33 -0.11 1.69 5.58
CA CYS A 33 0.45 3.03 5.68
C CYS A 33 -0.46 3.86 6.57
N GLY A 34 -0.06 5.10 6.78
CA GLY A 34 -0.84 6.02 7.60
C GLY A 34 -2.29 6.07 7.14
N LEU A 35 -3.02 7.04 7.70
CA LEU A 35 -4.43 7.20 7.35
C LEU A 35 -5.22 5.99 7.84
N PRO A 36 -6.33 6.28 8.57
CA PRO A 36 -7.17 5.23 9.10
C PRO A 36 -8.03 4.60 8.00
N GLY A 37 -7.51 3.53 7.42
CA GLY A 37 -8.22 2.83 6.36
C GLY A 37 -7.37 2.80 5.08
N THR A 38 -6.12 3.19 5.22
CA THR A 38 -5.21 3.22 4.09
C THR A 38 -4.12 2.16 4.26
N LYS A 39 -4.30 1.03 3.59
CA LYS A 39 -3.35 -0.05 3.67
C LYS A 39 -2.75 -0.30 2.28
N CYS A 40 -1.73 -1.14 2.24
CA CYS A 40 -1.07 -1.47 0.99
C CYS A 40 -1.85 -2.60 0.31
N CYS A 41 -2.88 -2.20 -0.43
CA CYS A 41 -3.71 -3.17 -1.12
C CYS A 41 -3.41 -3.08 -2.62
N LYS A 42 -3.43 -4.23 -3.27
CA LYS A 42 -3.16 -4.29 -4.69
C LYS A 42 -4.48 -4.18 -5.46
N LYS A 43 -4.72 -2.97 -5.98
CA LYS A 43 -5.94 -2.71 -6.74
C LYS A 43 -5.78 -1.39 -7.49
N PRO A 44 -4.84 -1.40 -8.48
CA PRO A 44 -4.59 -0.22 -9.29
C PRO A 44 -5.72 0.01 -10.30
N GLY A 1 14.46 0.98 -7.23
CA GLY A 1 15.30 -0.18 -7.45
C GLY A 1 16.74 0.10 -7.01
N ILE A 2 16.97 -0.07 -5.72
CA ILE A 2 18.29 0.16 -5.16
C ILE A 2 18.35 -0.41 -3.74
N ILE A 3 17.35 -0.05 -2.94
CA ILE A 3 17.27 -0.51 -1.58
C ILE A 3 15.81 -0.51 -1.12
N ASN A 4 14.99 -1.23 -1.87
CA ASN A 4 13.57 -1.32 -1.55
C ASN A 4 13.12 -2.78 -1.64
N THR A 5 12.44 -3.22 -0.60
CA THR A 5 11.95 -4.59 -0.54
C THR A 5 10.52 -4.63 0.01
N LEU A 6 9.91 -3.45 0.04
CA LEU A 6 8.55 -3.33 0.56
C LEU A 6 8.58 -3.32 2.08
N GLN A 7 7.62 -2.60 2.65
CA GLN A 7 7.53 -2.48 4.10
C GLN A 7 6.09 -2.20 4.51
N LYS A 8 5.68 -0.95 4.33
CA LYS A 8 4.34 -0.53 4.68
C LYS A 8 4.20 0.97 4.46
N TYR A 9 4.66 1.73 5.45
CA TYR A 9 4.60 3.18 5.39
C TYR A 9 5.00 3.68 4.01
N TYR A 10 5.79 2.85 3.32
CA TYR A 10 6.25 3.20 1.99
C TYR A 10 6.21 2.00 1.05
N CYS A 11 5.56 0.95 1.53
CA CYS A 11 5.43 -0.28 0.75
C CYS A 11 5.14 0.11 -0.70
N ARG A 12 6.02 -0.33 -1.59
CA ARG A 12 5.88 -0.04 -3.00
C ARG A 12 4.97 -1.07 -3.66
N VAL A 13 4.42 -0.69 -4.81
CA VAL A 13 3.54 -1.58 -5.55
C VAL A 13 3.55 -1.18 -7.02
N ARG A 14 2.50 -0.46 -7.42
CA ARG A 14 2.37 -0.01 -8.79
C ARG A 14 1.73 1.37 -8.84
N GLY A 15 2.59 2.39 -8.93
CA GLY A 15 2.11 3.76 -8.97
C GLY A 15 1.20 4.07 -7.79
N ALA A 16 1.74 4.87 -6.87
CA ALA A 16 0.99 5.25 -5.68
C ALA A 16 1.02 4.11 -4.67
N ILE A 17 1.25 4.46 -3.41
CA ILE A 17 1.31 3.47 -2.34
C ILE A 17 0.04 3.58 -1.49
N CYS A 18 -0.50 2.42 -1.16
CA CYS A 18 -1.71 2.37 -0.34
C CYS A 18 -2.82 3.11 -1.09
N HIS A 19 -4.01 2.55 -1.03
CA HIS A 19 -5.16 3.14 -1.69
C HIS A 19 -5.37 4.57 -1.18
N PRO A 20 -5.64 5.49 -2.15
CA PRO A 20 -5.85 6.88 -1.82
C PRO A 20 -7.24 7.09 -1.18
N VAL A 21 -7.28 8.03 -0.23
CA VAL A 21 -8.51 8.33 0.46
C VAL A 21 -8.80 7.23 1.50
N PHE A 22 -8.85 6.01 1.01
CA PHE A 22 -9.11 4.86 1.88
C PHE A 22 -8.68 3.55 1.22
N CYS A 23 -8.98 2.45 1.89
CA CYS A 23 -8.64 1.14 1.38
C CYS A 23 -9.91 0.31 1.29
N PRO A 24 -10.08 -0.37 0.12
CA PRO A 24 -11.25 -1.20 -0.10
C PRO A 24 -11.15 -2.51 0.68
N ARG A 25 -11.80 -3.53 0.15
CA ARG A 25 -11.79 -4.84 0.79
C ARG A 25 -11.50 -5.93 -0.23
N ARG A 26 -11.04 -7.07 0.27
CA ARG A 26 -10.73 -8.20 -0.59
C ARG A 26 -9.44 -7.92 -1.37
N TYR A 27 -9.00 -6.67 -1.29
CA TYR A 27 -7.79 -6.27 -1.99
C TYR A 27 -6.64 -7.25 -1.72
N LYS A 28 -5.76 -6.85 -0.82
CA LYS A 28 -4.62 -7.68 -0.46
C LYS A 28 -3.61 -6.84 0.31
N GLN A 29 -3.69 -6.93 1.63
CA GLN A 29 -2.78 -6.18 2.49
C GLN A 29 -1.33 -6.48 2.10
N ILE A 30 -0.60 -5.41 1.80
CA ILE A 30 0.79 -5.54 1.41
C ILE A 30 1.61 -4.45 2.11
N GLY A 31 0.96 -3.78 3.06
CA GLY A 31 1.61 -2.72 3.80
C GLY A 31 0.59 -1.76 4.41
N THR A 32 1.08 -0.62 4.86
CA THR A 32 0.22 0.38 5.46
C THR A 32 0.85 1.77 5.33
N CYS A 33 0.08 2.68 4.74
CA CYS A 33 0.56 4.04 4.56
C CYS A 33 -0.51 5.00 5.07
N GLY A 34 -0.22 6.29 4.98
CA GLY A 34 -1.14 7.31 5.44
C GLY A 34 -1.90 6.85 6.69
N LEU A 35 -3.16 7.23 6.76
CA LEU A 35 -3.99 6.87 7.89
C LEU A 35 -4.20 5.35 7.90
N PRO A 36 -4.91 4.88 8.95
CA PRO A 36 -5.18 3.46 9.10
C PRO A 36 -6.26 3.00 8.12
N GLY A 37 -6.72 3.96 7.32
CA GLY A 37 -7.76 3.66 6.34
C GLY A 37 -7.16 3.54 4.93
N THR A 38 -5.86 3.73 4.87
CA THR A 38 -5.16 3.64 3.60
C THR A 38 -3.93 2.72 3.73
N LYS A 39 -4.15 1.46 3.40
CA LYS A 39 -3.07 0.48 3.47
C LYS A 39 -2.73 0.01 2.06
N CYS A 40 -1.65 -0.76 1.98
CA CYS A 40 -1.20 -1.28 0.70
C CYS A 40 -2.19 -2.35 0.23
N CYS A 41 -3.09 -1.93 -0.65
CA CYS A 41 -4.09 -2.84 -1.18
C CYS A 41 -4.01 -2.81 -2.71
N LYS A 42 -4.12 -3.99 -3.30
CA LYS A 42 -4.07 -4.10 -4.75
C LYS A 42 -5.35 -3.54 -5.36
N LYS A 43 -5.50 -3.77 -6.65
CA LYS A 43 -6.67 -3.29 -7.36
C LYS A 43 -7.01 -1.87 -6.89
N PRO A 44 -6.20 -0.89 -7.39
CA PRO A 44 -6.40 0.49 -7.03
C PRO A 44 -7.62 1.08 -7.75
N GLY A 1 17.78 3.12 -4.13
CA GLY A 1 18.27 3.32 -5.48
C GLY A 1 17.64 2.30 -6.44
N ILE A 2 17.82 1.03 -6.10
CA ILE A 2 17.29 -0.04 -6.92
C ILE A 2 16.89 -1.21 -6.01
N ILE A 3 15.95 -2.02 -6.51
CA ILE A 3 15.48 -3.17 -5.76
C ILE A 3 14.92 -2.69 -4.42
N ASN A 4 13.60 -2.76 -4.30
CA ASN A 4 12.94 -2.35 -3.08
C ASN A 4 11.83 -3.35 -2.75
N THR A 5 11.84 -3.81 -1.51
CA THR A 5 10.85 -4.76 -1.04
C THR A 5 9.72 -4.05 -0.30
N LEU A 6 8.54 -4.08 -0.90
CA LEU A 6 7.38 -3.45 -0.31
C LEU A 6 7.39 -3.68 1.20
N GLN A 7 7.16 -2.60 1.93
CA GLN A 7 7.15 -2.67 3.38
C GLN A 7 5.75 -2.32 3.91
N LYS A 8 5.30 -1.13 3.56
CA LYS A 8 4.00 -0.65 3.99
C LYS A 8 3.83 0.80 3.58
N TYR A 9 4.36 1.69 4.41
CA TYR A 9 4.27 3.12 4.14
C TYR A 9 4.55 3.41 2.67
N TYR A 10 5.25 2.49 2.04
CA TYR A 10 5.60 2.65 0.63
C TYR A 10 5.58 1.30 -0.09
N CYS A 11 4.94 0.33 0.55
CA CYS A 11 4.84 -1.01 -0.02
C CYS A 11 4.50 -0.87 -1.50
N ARG A 12 3.57 0.03 -1.78
CA ARG A 12 3.14 0.25 -3.16
C ARG A 12 4.08 1.25 -3.83
N VAL A 13 5.19 0.73 -4.33
CA VAL A 13 6.17 1.55 -5.02
C VAL A 13 6.33 2.87 -4.26
N ARG A 14 6.88 3.86 -4.95
CA ARG A 14 7.09 5.17 -4.37
C ARG A 14 5.98 6.13 -4.80
N GLY A 15 5.47 6.87 -3.82
CA GLY A 15 4.41 7.82 -4.09
C GLY A 15 3.23 7.61 -3.14
N ALA A 16 2.05 7.96 -3.62
CA ALA A 16 0.84 7.82 -2.84
C ALA A 16 0.44 6.34 -2.80
N ILE A 17 1.29 5.55 -2.15
CA ILE A 17 1.05 4.13 -2.04
C ILE A 17 -0.36 3.90 -1.47
N CYS A 18 -0.66 2.63 -1.23
CA CYS A 18 -1.96 2.28 -0.68
C CYS A 18 -3.04 2.81 -1.62
N HIS A 19 -4.25 2.29 -1.45
CA HIS A 19 -5.37 2.70 -2.27
C HIS A 19 -5.61 4.20 -2.08
N PRO A 20 -5.87 4.88 -3.23
CA PRO A 20 -6.12 6.32 -3.21
C PRO A 20 -7.52 6.62 -2.67
N VAL A 21 -7.59 7.67 -1.87
CA VAL A 21 -8.85 8.09 -1.29
C VAL A 21 -9.16 7.22 -0.06
N PHE A 22 -9.13 5.91 -0.28
CA PHE A 22 -9.39 4.96 0.79
C PHE A 22 -8.99 3.55 0.38
N CYS A 23 -9.32 2.60 1.24
CA CYS A 23 -9.01 1.21 0.99
C CYS A 23 -10.30 0.40 1.04
N PRO A 24 -10.49 -0.46 0.00
CA PRO A 24 -11.68 -1.29 -0.06
C PRO A 24 -11.61 -2.45 0.93
N ARG A 25 -12.30 -3.53 0.58
CA ARG A 25 -12.31 -4.70 1.44
C ARG A 25 -12.07 -5.96 0.61
N ARG A 26 -11.54 -6.98 1.27
CA ARG A 26 -11.26 -8.24 0.60
C ARG A 26 -10.03 -8.10 -0.31
N TYR A 27 -9.65 -6.85 -0.53
CA TYR A 27 -8.49 -6.57 -1.37
C TYR A 27 -7.39 -7.61 -1.18
N LYS A 28 -6.48 -7.31 -0.28
CA LYS A 28 -5.38 -8.21 0.01
C LYS A 28 -4.29 -7.46 0.78
N GLN A 29 -4.55 -7.27 2.07
CA GLN A 29 -3.61 -6.57 2.93
C GLN A 29 -2.17 -6.92 2.53
N ILE A 30 -1.42 -5.88 2.19
CA ILE A 30 -0.03 -6.06 1.79
C ILE A 30 0.86 -5.11 2.60
N GLY A 31 0.36 -3.90 2.78
CA GLY A 31 1.10 -2.89 3.54
C GLY A 31 0.13 -1.96 4.28
N THR A 32 0.70 -0.85 4.76
CA THR A 32 -0.09 0.13 5.48
C THR A 32 0.61 1.48 5.48
N CYS A 33 -0.12 2.50 5.08
CA CYS A 33 0.42 3.85 5.02
C CYS A 33 -0.67 4.82 5.48
N GLY A 34 -0.26 6.07 5.64
CA GLY A 34 -1.19 7.11 6.08
C GLY A 34 -2.08 6.59 7.22
N LEU A 35 -3.35 6.92 7.12
CA LEU A 35 -4.32 6.51 8.13
C LEU A 35 -4.62 5.02 7.96
N PRO A 36 -5.45 4.49 8.90
CA PRO A 36 -5.82 3.09 8.86
C PRO A 36 -6.83 2.81 7.76
N GLY A 37 -7.15 3.86 7.01
CA GLY A 37 -8.09 3.75 5.92
C GLY A 37 -7.38 3.70 4.57
N THR A 38 -6.06 3.77 4.64
CA THR A 38 -5.24 3.73 3.44
C THR A 38 -4.09 2.74 3.61
N LYS A 39 -4.34 1.51 3.21
CA LYS A 39 -3.33 0.46 3.32
C LYS A 39 -3.00 -0.06 1.91
N CYS A 40 -2.00 -0.93 1.87
CA CYS A 40 -1.57 -1.50 0.60
C CYS A 40 -2.54 -2.62 0.23
N CYS A 41 -3.58 -2.25 -0.51
CA CYS A 41 -4.58 -3.21 -0.94
C CYS A 41 -4.46 -3.39 -2.45
N LYS A 42 -4.85 -4.57 -2.91
CA LYS A 42 -4.78 -4.89 -4.32
C LYS A 42 -3.32 -4.83 -4.79
N LYS A 43 -2.86 -5.96 -5.32
CA LYS A 43 -1.50 -6.06 -5.81
C LYS A 43 -1.32 -5.13 -7.00
N PRO A 44 -0.04 -4.78 -7.28
CA PRO A 44 0.28 -3.91 -8.38
C PRO A 44 0.16 -4.64 -9.72
N GLY A 1 18.16 -4.95 3.87
CA GLY A 1 18.59 -5.06 2.49
C GLY A 1 19.02 -3.70 1.93
N ILE A 2 19.46 -3.72 0.68
CA ILE A 2 19.90 -2.50 0.03
C ILE A 2 18.80 -2.03 -0.93
N ILE A 3 17.99 -2.98 -1.36
CA ILE A 3 16.90 -2.67 -2.28
C ILE A 3 15.60 -2.52 -1.49
N ASN A 4 14.83 -1.50 -1.85
CA ASN A 4 13.56 -1.25 -1.18
C ASN A 4 12.48 -1.01 -2.23
N THR A 5 11.71 -2.06 -2.47
CA THR A 5 10.63 -1.99 -3.45
C THR A 5 9.28 -1.81 -2.75
N LEU A 6 9.31 -2.02 -1.44
CA LEU A 6 8.10 -1.88 -0.64
C LEU A 6 8.45 -2.08 0.84
N GLN A 7 7.50 -1.70 1.69
CA GLN A 7 7.70 -1.83 3.12
C GLN A 7 6.34 -1.88 3.83
N LYS A 8 5.73 -0.71 3.96
CA LYS A 8 4.43 -0.61 4.62
C LYS A 8 4.04 0.86 4.72
N TYR A 9 4.60 1.53 5.72
CA TYR A 9 4.31 2.94 5.94
C TYR A 9 4.28 3.70 4.62
N TYR A 10 5.02 3.18 3.65
CA TYR A 10 5.08 3.81 2.34
C TYR A 10 5.07 2.75 1.23
N CYS A 11 4.79 1.52 1.63
CA CYS A 11 4.75 0.42 0.68
C CYS A 11 4.08 0.91 -0.59
N ARG A 12 4.50 0.32 -1.71
CA ARG A 12 3.95 0.69 -3.00
C ARG A 12 4.31 2.14 -3.34
N VAL A 13 5.60 2.43 -3.27
CA VAL A 13 6.08 3.76 -3.56
C VAL A 13 5.59 4.19 -4.95
N ARG A 14 6.06 5.35 -5.38
CA ARG A 14 5.68 5.88 -6.67
C ARG A 14 4.20 6.29 -6.66
N GLY A 15 3.92 7.38 -7.37
CA GLY A 15 2.56 7.88 -7.44
C GLY A 15 1.85 7.74 -6.10
N ALA A 16 0.59 7.33 -6.17
CA ALA A 16 -0.21 7.15 -4.97
C ALA A 16 0.13 5.80 -4.34
N ILE A 17 0.61 5.86 -3.11
CA ILE A 17 0.97 4.65 -2.39
C ILE A 17 -0.28 3.79 -2.18
N CYS A 18 -0.42 3.29 -0.97
CA CYS A 18 -1.56 2.45 -0.63
C CYS A 18 -2.81 3.04 -1.31
N HIS A 19 -3.82 2.20 -1.43
CA HIS A 19 -5.07 2.62 -2.06
C HIS A 19 -5.38 4.06 -1.65
N PRO A 20 -5.82 4.86 -2.67
CA PRO A 20 -6.15 6.25 -2.43
C PRO A 20 -7.49 6.38 -1.70
N VAL A 21 -7.55 7.32 -0.78
CA VAL A 21 -8.76 7.55 -0.01
C VAL A 21 -8.85 6.51 1.12
N PHE A 22 -8.92 5.26 0.71
CA PHE A 22 -9.01 4.17 1.68
C PHE A 22 -8.56 2.85 1.05
N CYS A 23 -8.95 1.76 1.68
CA CYS A 23 -8.58 0.43 1.21
C CYS A 23 -9.81 -0.47 1.31
N PRO A 24 -10.08 -1.21 0.21
CA PRO A 24 -11.22 -2.12 0.17
C PRO A 24 -10.93 -3.38 0.98
N ARG A 25 -11.55 -4.48 0.54
CA ARG A 25 -11.38 -5.75 1.22
C ARG A 25 -11.13 -6.85 0.20
N ARG A 26 -10.55 -7.95 0.69
CA ARG A 26 -10.25 -9.08 -0.18
C ARG A 26 -9.03 -8.79 -1.05
N TYR A 27 -8.67 -7.51 -1.08
CA TYR A 27 -7.52 -7.08 -1.88
C TYR A 27 -6.32 -8.00 -1.63
N LYS A 28 -5.41 -7.52 -0.79
CA LYS A 28 -4.22 -8.28 -0.46
C LYS A 28 -3.17 -7.34 0.12
N GLN A 29 -3.41 -6.94 1.36
CA GLN A 29 -2.49 -6.04 2.05
C GLN A 29 -1.05 -6.38 1.69
N ILE A 30 -0.31 -5.35 1.27
CA ILE A 30 1.08 -5.52 0.89
C ILE A 30 1.93 -4.49 1.61
N GLY A 31 1.28 -3.75 2.51
CA GLY A 31 1.98 -2.73 3.28
C GLY A 31 1.03 -1.57 3.61
N THR A 32 0.84 -1.35 4.91
CA THR A 32 -0.03 -0.29 5.36
C THR A 32 0.73 1.04 5.38
N CYS A 33 0.14 2.02 4.72
CA CYS A 33 0.75 3.34 4.66
C CYS A 33 -0.05 4.29 5.58
N GLY A 34 0.06 5.57 5.29
CA GLY A 34 -0.62 6.58 6.09
C GLY A 34 -2.14 6.44 5.94
N LEU A 35 -2.84 6.86 6.98
CA LEU A 35 -4.30 6.79 6.99
C LEU A 35 -4.73 5.42 7.51
N PRO A 36 -5.63 5.45 8.53
CA PRO A 36 -6.13 4.23 9.13
C PRO A 36 -7.15 3.55 8.21
N GLY A 37 -6.64 2.61 7.42
CA GLY A 37 -7.49 1.87 6.50
C GLY A 37 -6.90 1.89 5.09
N THR A 38 -5.79 2.60 4.94
CA THR A 38 -5.11 2.69 3.66
C THR A 38 -3.86 1.82 3.65
N LYS A 39 -3.96 0.71 2.93
CA LYS A 39 -2.84 -0.22 2.83
C LYS A 39 -2.62 -0.58 1.36
N CYS A 40 -1.52 -1.29 1.12
CA CYS A 40 -1.19 -1.70 -0.24
C CYS A 40 -2.13 -2.83 -0.64
N CYS A 41 -3.19 -2.44 -1.35
CA CYS A 41 -4.18 -3.40 -1.80
C CYS A 41 -4.28 -3.30 -3.33
N LYS A 42 -4.56 -4.44 -3.94
CA LYS A 42 -4.69 -4.49 -5.39
C LYS A 42 -5.76 -3.49 -5.85
N LYS A 43 -7.00 -3.94 -5.78
CA LYS A 43 -8.12 -3.10 -6.18
C LYS A 43 -9.35 -3.97 -6.38
N PRO A 44 -9.19 -5.03 -7.22
CA PRO A 44 -10.28 -5.94 -7.50
C PRO A 44 -10.55 -6.87 -6.31
N GLY A 1 22.67 3.61 -3.24
CA GLY A 1 22.54 2.16 -3.30
C GLY A 1 21.40 1.68 -2.40
N ILE A 2 20.27 1.40 -3.04
CA ILE A 2 19.10 0.94 -2.31
C ILE A 2 18.68 -0.42 -2.86
N ILE A 3 19.13 -1.47 -2.18
CA ILE A 3 18.81 -2.83 -2.59
C ILE A 3 17.53 -3.28 -1.88
N ASN A 4 16.43 -3.17 -2.62
CA ASN A 4 15.14 -3.57 -2.07
C ASN A 4 14.03 -3.07 -3.01
N THR A 5 12.80 -3.37 -2.62
CA THR A 5 11.66 -2.97 -3.42
C THR A 5 10.36 -3.39 -2.73
N LEU A 6 9.58 -2.39 -2.34
CA LEU A 6 8.30 -2.65 -1.67
C LEU A 6 8.57 -3.02 -0.21
N GLN A 7 7.56 -2.78 0.61
CA GLN A 7 7.67 -3.07 2.03
C GLN A 7 6.28 -3.13 2.67
N LYS A 8 5.75 -1.96 2.97
CA LYS A 8 4.44 -1.87 3.58
C LYS A 8 4.09 -0.39 3.82
N TYR A 9 4.64 0.14 4.90
CA TYR A 9 4.40 1.54 5.25
C TYR A 9 4.45 2.43 4.00
N TYR A 10 5.20 1.96 3.02
CA TYR A 10 5.34 2.71 1.78
C TYR A 10 5.32 1.77 0.57
N CYS A 11 4.93 0.54 0.82
CA CYS A 11 4.87 -0.47 -0.22
C CYS A 11 4.29 0.19 -1.48
N ARG A 12 4.50 -0.47 -2.61
CA ARG A 12 4.00 0.03 -3.88
C ARG A 12 5.06 0.91 -4.55
N VAL A 13 5.45 1.95 -3.85
CA VAL A 13 6.45 2.87 -4.36
C VAL A 13 6.52 4.11 -3.48
N ARG A 14 5.78 5.13 -3.88
CA ARG A 14 5.74 6.37 -3.13
C ARG A 14 4.68 7.31 -3.71
N GLY A 15 3.99 8.00 -2.81
CA GLY A 15 2.94 8.93 -3.22
C GLY A 15 1.64 8.19 -3.53
N ALA A 16 1.72 7.30 -4.51
CA ALA A 16 0.56 6.52 -4.91
C ALA A 16 0.56 5.19 -4.15
N ILE A 17 1.11 5.23 -2.95
CA ILE A 17 1.18 4.05 -2.11
C ILE A 17 -0.21 3.76 -1.54
N CYS A 18 -0.52 2.47 -1.42
CA CYS A 18 -1.80 2.05 -0.89
C CYS A 18 -2.90 2.59 -1.80
N HIS A 19 -4.00 1.85 -1.86
CA HIS A 19 -5.12 2.24 -2.69
C HIS A 19 -5.33 3.75 -2.59
N PRO A 20 -5.60 4.38 -3.77
CA PRO A 20 -5.82 5.81 -3.82
C PRO A 20 -7.20 6.17 -3.28
N VAL A 21 -7.23 7.25 -2.50
CA VAL A 21 -8.48 7.70 -1.91
C VAL A 21 -8.77 6.90 -0.64
N PHE A 22 -8.76 5.58 -0.80
CA PHE A 22 -9.02 4.70 0.33
C PHE A 22 -8.68 3.25 -0.03
N CYS A 23 -8.94 2.36 0.91
CA CYS A 23 -8.67 0.94 0.71
C CYS A 23 -9.99 0.18 0.84
N PRO A 24 -10.24 -0.71 -0.15
CA PRO A 24 -11.45 -1.51 -0.14
C PRO A 24 -11.38 -2.64 0.89
N ARG A 25 -12.07 -3.72 0.60
CA ARG A 25 -12.09 -4.87 1.49
C ARG A 25 -11.87 -6.15 0.69
N ARG A 26 -11.42 -7.18 1.40
CA ARG A 26 -11.18 -8.47 0.77
C ARG A 26 -9.93 -8.40 -0.11
N TYR A 27 -9.45 -7.18 -0.31
CA TYR A 27 -8.27 -6.97 -1.13
C TYR A 27 -7.16 -7.94 -0.76
N LYS A 28 -6.23 -7.46 0.06
CA LYS A 28 -5.12 -8.29 0.50
C LYS A 28 -4.07 -7.39 1.16
N GLN A 29 -4.24 -7.17 2.44
CA GLN A 29 -3.31 -6.34 3.20
C GLN A 29 -1.87 -6.72 2.85
N ILE A 30 -1.14 -5.72 2.36
CA ILE A 30 0.25 -5.93 1.98
C ILE A 30 1.13 -4.93 2.73
N GLY A 31 0.48 -4.10 3.55
CA GLY A 31 1.19 -3.10 4.32
C GLY A 31 0.44 -1.76 4.29
N THR A 32 0.03 -1.33 5.48
CA THR A 32 -0.70 -0.08 5.60
C THR A 32 0.28 1.09 5.69
N CYS A 33 -0.12 2.21 5.09
CA CYS A 33 0.70 3.40 5.10
C CYS A 33 0.09 4.41 6.06
N GLY A 34 0.88 5.41 6.40
CA GLY A 34 0.43 6.46 7.32
C GLY A 34 -1.06 6.75 7.11
N LEU A 35 -1.42 6.98 5.86
CA LEU A 35 -2.80 7.28 5.52
C LEU A 35 -3.73 6.38 6.35
N PRO A 36 -4.60 7.05 7.16
CA PRO A 36 -5.53 6.32 8.00
C PRO A 36 -6.69 5.76 7.18
N GLY A 37 -6.53 4.51 6.78
CA GLY A 37 -7.55 3.83 5.99
C GLY A 37 -7.02 3.51 4.58
N THR A 38 -5.73 3.73 4.40
CA THR A 38 -5.10 3.46 3.12
C THR A 38 -3.91 2.51 3.30
N LYS A 39 -4.09 1.31 2.78
CA LYS A 39 -3.05 0.29 2.87
C LYS A 39 -2.79 -0.30 1.49
N CYS A 40 -1.75 -1.11 1.40
CA CYS A 40 -1.39 -1.75 0.14
C CYS A 40 -2.35 -2.91 -0.10
N CYS A 41 -3.42 -2.63 -0.83
CA CYS A 41 -4.42 -3.64 -1.14
C CYS A 41 -4.30 -3.98 -2.63
N LYS A 42 -4.58 -5.24 -2.93
CA LYS A 42 -4.53 -5.71 -4.30
C LYS A 42 -5.94 -5.89 -4.84
N LYS A 43 -6.09 -5.70 -6.14
CA LYS A 43 -7.37 -5.85 -6.78
C LYS A 43 -7.23 -6.72 -8.03
N PRO A 44 -7.33 -8.06 -7.82
CA PRO A 44 -7.21 -9.00 -8.92
C PRO A 44 -8.48 -9.01 -9.77
N GLY A 1 19.70 -5.78 -5.48
CA GLY A 1 19.15 -7.12 -5.44
C GLY A 1 18.11 -7.26 -4.34
N ILE A 2 18.54 -6.99 -3.12
CA ILE A 2 17.64 -7.09 -1.98
C ILE A 2 17.92 -5.91 -1.03
N ILE A 3 17.23 -4.81 -1.28
CA ILE A 3 17.39 -3.63 -0.46
C ILE A 3 16.04 -2.94 -0.29
N ASN A 4 15.84 -1.88 -1.06
CA ASN A 4 14.60 -1.14 -1.00
C ASN A 4 13.61 -1.72 -2.01
N THR A 5 12.36 -1.82 -1.59
CA THR A 5 11.31 -2.36 -2.44
C THR A 5 9.94 -1.92 -1.94
N LEU A 6 9.65 -2.29 -0.70
CA LEU A 6 8.38 -1.95 -0.08
C LEU A 6 8.39 -2.38 1.38
N GLN A 7 7.94 -1.49 2.24
CA GLN A 7 7.89 -1.76 3.66
C GLN A 7 6.48 -1.52 4.21
N LYS A 8 5.97 -0.33 3.95
CA LYS A 8 4.64 0.03 4.40
C LYS A 8 4.39 1.52 4.11
N TYR A 9 4.86 2.34 5.02
CA TYR A 9 4.70 3.79 4.88
C TYR A 9 4.95 4.23 3.43
N TYR A 10 5.70 3.41 2.72
CA TYR A 10 6.02 3.69 1.33
C TYR A 10 6.08 2.41 0.51
N CYS A 11 5.51 1.36 1.06
CA CYS A 11 5.48 0.06 0.39
C CYS A 11 5.10 0.30 -1.08
N ARG A 12 6.12 0.21 -1.94
CA ARG A 12 5.91 0.41 -3.36
C ARG A 12 4.79 1.43 -3.60
N VAL A 13 4.09 1.25 -4.71
CA VAL A 13 3.00 2.15 -5.06
C VAL A 13 3.54 3.57 -5.19
N ARG A 14 3.89 3.93 -6.42
CA ARG A 14 4.42 5.25 -6.69
C ARG A 14 3.37 6.32 -6.38
N GLY A 15 2.22 6.19 -7.03
CA GLY A 15 1.13 7.12 -6.83
C GLY A 15 0.19 6.64 -5.72
N ALA A 16 0.34 7.25 -4.55
CA ALA A 16 -0.49 6.90 -3.42
C ALA A 16 0.14 5.71 -2.69
N ILE A 17 0.90 6.02 -1.65
CA ILE A 17 1.55 4.99 -0.87
C ILE A 17 0.61 3.79 -0.71
N CYS A 18 -0.65 4.09 -0.49
CA CYS A 18 -1.66 3.06 -0.34
C CYS A 18 -2.89 3.46 -1.15
N HIS A 19 -3.81 2.51 -1.28
CA HIS A 19 -5.03 2.75 -2.03
C HIS A 19 -5.55 4.15 -1.73
N PRO A 20 -5.98 4.85 -2.81
CA PRO A 20 -6.51 6.20 -2.68
C PRO A 20 -7.91 6.19 -2.08
N VAL A 21 -8.16 7.17 -1.21
CA VAL A 21 -9.44 7.28 -0.56
C VAL A 21 -9.52 6.28 0.60
N PHE A 22 -9.38 5.01 0.25
CA PHE A 22 -9.42 3.95 1.25
C PHE A 22 -8.78 2.67 0.71
N CYS A 23 -9.21 1.55 1.28
CA CYS A 23 -8.69 0.25 0.86
C CYS A 23 -9.81 -0.78 0.98
N PRO A 24 -9.99 -1.57 -0.11
CA PRO A 24 -11.02 -2.59 -0.14
C PRO A 24 -10.62 -3.79 0.70
N ARG A 25 -11.15 -4.95 0.32
CA ARG A 25 -10.86 -6.17 1.04
C ARG A 25 -10.53 -7.30 0.05
N ARG A 26 -9.89 -8.34 0.58
CA ARG A 26 -9.52 -9.48 -0.24
C ARG A 26 -8.35 -9.12 -1.17
N TYR A 27 -8.07 -7.81 -1.23
CA TYR A 27 -7.00 -7.32 -2.06
C TYR A 27 -5.69 -8.09 -1.80
N LYS A 28 -4.82 -7.46 -1.03
CA LYS A 28 -3.55 -8.07 -0.68
C LYS A 28 -2.65 -7.03 -0.02
N GLN A 29 -2.67 -7.04 1.32
CA GLN A 29 -1.86 -6.11 2.08
C GLN A 29 -0.38 -6.33 1.81
N ILE A 30 0.28 -5.27 1.36
CA ILE A 30 1.70 -5.35 1.06
C ILE A 30 2.46 -4.35 1.94
N GLY A 31 1.69 -3.57 2.69
CA GLY A 31 2.27 -2.57 3.57
C GLY A 31 1.31 -1.40 3.78
N THR A 32 1.10 -1.06 5.04
CA THR A 32 0.21 0.03 5.38
C THR A 32 0.91 1.37 5.18
N CYS A 33 0.13 2.37 4.80
CA CYS A 33 0.66 3.70 4.57
C CYS A 33 -0.51 4.68 4.47
N GLY A 34 -0.28 5.88 4.96
CA GLY A 34 -1.31 6.91 4.95
C GLY A 34 -2.03 7.00 6.29
N LEU A 35 -3.36 7.13 6.19
CA LEU A 35 -4.17 7.22 7.38
C LEU A 35 -4.66 5.83 7.77
N PRO A 36 -5.51 5.77 8.83
CA PRO A 36 -6.05 4.52 9.31
C PRO A 36 -7.15 4.00 8.37
N GLY A 37 -6.73 3.18 7.42
CA GLY A 37 -7.66 2.61 6.45
C GLY A 37 -7.01 2.49 5.07
N THR A 38 -5.86 3.15 4.93
CA THR A 38 -5.14 3.12 3.67
C THR A 38 -3.94 2.17 3.77
N LYS A 39 -4.07 1.03 3.09
CA LYS A 39 -3.01 0.04 3.09
C LYS A 39 -2.61 -0.27 1.65
N CYS A 40 -1.53 -1.02 1.52
CA CYS A 40 -1.03 -1.41 0.21
C CYS A 40 -1.88 -2.57 -0.31
N CYS A 41 -2.85 -2.22 -1.14
CA CYS A 41 -3.74 -3.23 -1.71
C CYS A 41 -3.78 -3.03 -3.23
N LYS A 42 -3.80 -4.15 -3.94
CA LYS A 42 -3.84 -4.12 -5.39
C LYS A 42 -4.94 -3.15 -5.84
N LYS A 43 -4.98 -2.92 -7.15
CA LYS A 43 -5.98 -2.04 -7.72
C LYS A 43 -6.37 -2.53 -9.11
N PRO A 44 -7.27 -3.55 -9.13
CA PRO A 44 -7.72 -4.13 -10.38
C PRO A 44 -8.71 -3.20 -11.08
N GLY A 1 17.67 5.79 -4.77
CA GLY A 1 16.95 5.39 -5.97
C GLY A 1 16.21 4.07 -5.76
N ILE A 2 16.97 3.07 -5.31
CA ILE A 2 16.39 1.76 -5.06
C ILE A 2 17.06 1.15 -3.83
N ILE A 3 16.29 1.05 -2.76
CA ILE A 3 16.79 0.48 -1.52
C ILE A 3 16.05 -0.82 -1.22
N ASN A 4 14.82 -0.69 -0.77
CA ASN A 4 14.00 -1.85 -0.45
C ASN A 4 12.71 -1.80 -1.29
N THR A 5 12.11 -2.97 -1.44
CA THR A 5 10.88 -3.08 -2.22
C THR A 5 9.77 -3.70 -1.36
N LEU A 6 8.65 -2.99 -1.29
CA LEU A 6 7.52 -3.46 -0.52
C LEU A 6 7.92 -3.56 0.96
N GLN A 7 7.13 -2.90 1.80
CA GLN A 7 7.38 -2.90 3.22
C GLN A 7 6.07 -2.78 4.00
N LYS A 8 5.54 -1.56 4.02
CA LYS A 8 4.30 -1.30 4.72
C LYS A 8 4.03 0.21 4.73
N TYR A 9 4.71 0.89 5.64
CA TYR A 9 4.55 2.33 5.77
C TYR A 9 4.50 2.99 4.39
N TYR A 10 5.07 2.30 3.42
CA TYR A 10 5.10 2.81 2.05
C TYR A 10 5.03 1.67 1.04
N CYS A 11 4.64 0.51 1.53
CA CYS A 11 4.52 -0.67 0.68
C CYS A 11 3.82 -0.26 -0.62
N ARG A 12 4.36 -0.75 -1.72
CA ARG A 12 3.79 -0.45 -3.03
C ARG A 12 4.65 -1.06 -4.13
N VAL A 13 4.59 -0.44 -5.29
CA VAL A 13 5.35 -0.91 -6.44
C VAL A 13 5.77 0.29 -7.31
N ARG A 14 4.80 1.15 -7.57
CA ARG A 14 5.04 2.33 -8.37
C ARG A 14 3.87 3.31 -8.26
N GLY A 15 4.07 4.35 -7.47
CA GLY A 15 3.04 5.36 -7.27
C GLY A 15 2.82 5.63 -5.79
N ALA A 16 1.61 6.03 -5.47
CA ALA A 16 1.25 6.33 -4.08
C ALA A 16 1.17 5.02 -3.30
N ILE A 17 1.91 4.98 -2.20
CA ILE A 17 1.92 3.80 -1.35
C ILE A 17 0.49 3.44 -0.95
N CYS A 18 0.28 2.16 -0.72
CA CYS A 18 -1.04 1.67 -0.32
C CYS A 18 -2.08 2.32 -1.24
N HIS A 19 -3.33 2.02 -0.96
CA HIS A 19 -4.43 2.57 -1.75
C HIS A 19 -4.63 4.04 -1.42
N PRO A 20 -4.83 4.85 -2.49
CA PRO A 20 -5.04 6.28 -2.33
C PRO A 20 -6.44 6.58 -1.78
N VAL A 21 -6.50 7.54 -0.88
CA VAL A 21 -7.76 7.93 -0.28
C VAL A 21 -8.11 6.95 0.83
N PHE A 22 -8.24 5.69 0.45
CA PHE A 22 -8.58 4.64 1.40
C PHE A 22 -8.22 3.26 0.85
N CYS A 23 -8.78 2.25 1.48
CA CYS A 23 -8.52 0.88 1.07
C CYS A 23 -9.86 0.13 1.00
N PRO A 24 -10.05 -0.61 -0.12
CA PRO A 24 -11.28 -1.37 -0.33
C PRO A 24 -11.29 -2.63 0.55
N ARG A 25 -11.99 -3.63 0.07
CA ARG A 25 -12.10 -4.89 0.79
C ARG A 25 -11.87 -6.06 -0.15
N ARG A 26 -11.57 -7.21 0.44
CA ARG A 26 -11.31 -8.42 -0.33
C ARG A 26 -9.98 -8.29 -1.08
N TYR A 27 -9.41 -7.09 -1.03
CA TYR A 27 -8.15 -6.84 -1.69
C TYR A 27 -7.09 -7.86 -1.27
N LYS A 28 -6.22 -7.43 -0.37
CA LYS A 28 -5.15 -8.29 0.12
C LYS A 28 -4.11 -7.44 0.85
N GLN A 29 -4.05 -7.65 2.16
CA GLN A 29 -3.10 -6.91 2.98
C GLN A 29 -1.67 -7.25 2.57
N ILE A 30 -0.91 -6.19 2.26
CA ILE A 30 0.47 -6.37 1.85
C ILE A 30 1.33 -5.28 2.50
N GLY A 31 0.72 -4.59 3.46
CA GLY A 31 1.41 -3.52 4.16
C GLY A 31 0.42 -2.47 4.67
N THR A 32 0.98 -1.43 5.29
CA THR A 32 0.16 -0.36 5.83
C THR A 32 0.94 0.96 5.85
N CYS A 33 0.29 2.00 5.39
CA CYS A 33 0.92 3.32 5.35
C CYS A 33 0.46 4.11 6.57
N GLY A 34 0.08 3.35 7.61
CA GLY A 34 -0.38 3.97 8.84
C GLY A 34 -1.81 4.53 8.69
N LEU A 35 -1.97 5.37 7.67
CA LEU A 35 -3.25 5.98 7.40
C LEU A 35 -4.37 5.00 7.80
N PRO A 36 -5.42 5.57 8.45
CA PRO A 36 -6.55 4.76 8.88
C PRO A 36 -7.44 4.38 7.70
N GLY A 37 -7.21 3.18 7.19
CA GLY A 37 -7.97 2.68 6.06
C GLY A 37 -7.12 2.65 4.78
N THR A 38 -5.86 2.98 4.95
CA THR A 38 -4.93 3.01 3.84
C THR A 38 -3.82 1.97 4.04
N LYS A 39 -4.03 0.80 3.43
CA LYS A 39 -3.07 -0.28 3.53
C LYS A 39 -2.68 -0.74 2.12
N CYS A 40 -1.66 -1.60 2.07
CA CYS A 40 -1.19 -2.13 0.81
C CYS A 40 -2.17 -3.20 0.33
N CYS A 41 -3.17 -2.75 -0.42
CA CYS A 41 -4.18 -3.66 -0.94
C CYS A 41 -3.95 -3.82 -2.45
N LYS A 42 -4.06 -5.07 -2.90
CA LYS A 42 -3.87 -5.37 -4.31
C LYS A 42 -4.62 -4.33 -5.15
N LYS A 43 -3.91 -3.79 -6.13
CA LYS A 43 -4.50 -2.79 -7.01
C LYS A 43 -3.69 -2.73 -8.30
N PRO A 44 -3.74 -3.85 -9.06
CA PRO A 44 -3.02 -3.94 -10.32
C PRO A 44 -3.72 -3.13 -11.42
N GLY A 1 16.30 -6.01 -8.73
CA GLY A 1 16.16 -6.53 -7.38
C GLY A 1 15.34 -5.57 -6.51
N ILE A 2 14.17 -6.04 -6.10
CA ILE A 2 13.29 -5.25 -5.26
C ILE A 2 13.87 -5.15 -3.85
N ILE A 3 14.29 -3.95 -3.50
CA ILE A 3 14.86 -3.71 -2.19
C ILE A 3 14.69 -2.24 -1.81
N ASN A 4 14.27 -2.03 -0.57
CA ASN A 4 14.05 -0.68 -0.08
C ASN A 4 13.00 0.01 -0.95
N THR A 5 12.00 -0.76 -1.33
CA THR A 5 10.93 -0.23 -2.16
C THR A 5 9.62 -0.97 -1.88
N LEU A 6 9.40 -1.25 -0.60
CA LEU A 6 8.19 -1.96 -0.20
C LEU A 6 8.39 -2.50 1.22
N GLN A 7 7.49 -2.07 2.11
CA GLN A 7 7.55 -2.50 3.49
C GLN A 7 6.15 -2.47 4.12
N LYS A 8 5.64 -1.25 4.27
CA LYS A 8 4.32 -1.07 4.85
C LYS A 8 4.10 0.43 5.11
N TYR A 9 4.68 0.90 6.19
CA TYR A 9 4.56 2.30 6.56
C TYR A 9 4.60 3.20 5.33
N TYR A 10 5.30 2.72 4.31
CA TYR A 10 5.42 3.47 3.07
C TYR A 10 5.40 2.53 1.86
N CYS A 11 5.01 1.29 2.12
CA CYS A 11 4.94 0.30 1.06
C CYS A 11 4.34 0.96 -0.18
N ARG A 12 4.96 0.69 -1.32
CA ARG A 12 4.50 1.24 -2.58
C ARG A 12 5.05 2.66 -2.77
N VAL A 13 6.37 2.75 -2.75
CA VAL A 13 7.03 4.04 -2.91
C VAL A 13 6.65 4.63 -4.27
N ARG A 14 6.75 5.95 -4.35
CA ARG A 14 6.42 6.65 -5.58
C ARG A 14 4.90 6.64 -5.80
N GLY A 15 4.45 7.58 -6.62
CA GLY A 15 3.03 7.68 -6.92
C GLY A 15 2.20 7.73 -5.64
N ALA A 16 1.04 7.08 -5.70
CA ALA A 16 0.15 7.04 -4.56
C ALA A 16 0.25 5.66 -3.90
N ILE A 17 0.85 5.66 -2.71
CA ILE A 17 1.00 4.42 -1.96
C ILE A 17 -0.35 3.96 -1.43
N CYS A 18 -0.53 2.65 -1.39
CA CYS A 18 -1.77 2.07 -0.90
C CYS A 18 -2.91 2.58 -1.79
N HIS A 19 -3.98 1.80 -1.81
CA HIS A 19 -5.15 2.16 -2.61
C HIS A 19 -5.46 3.64 -2.43
N PRO A 20 -5.78 4.31 -3.58
CA PRO A 20 -6.10 5.72 -3.56
C PRO A 20 -7.51 5.95 -2.99
N VAL A 21 -7.62 6.99 -2.17
CA VAL A 21 -8.89 7.33 -1.56
C VAL A 21 -9.12 6.45 -0.33
N PHE A 22 -9.05 5.14 -0.55
CA PHE A 22 -9.24 4.19 0.52
C PHE A 22 -8.77 2.80 0.10
N CYS A 23 -9.03 1.83 0.97
CA CYS A 23 -8.65 0.45 0.72
C CYS A 23 -9.91 -0.42 0.80
N PRO A 24 -10.08 -1.27 -0.25
CA PRO A 24 -11.23 -2.17 -0.30
C PRO A 24 -11.06 -3.33 0.67
N ARG A 25 -11.67 -4.45 0.31
CA ARG A 25 -11.59 -5.65 1.14
C ARG A 25 -11.31 -6.88 0.27
N ARG A 26 -10.73 -7.89 0.92
CA ARG A 26 -10.40 -9.11 0.22
C ARG A 26 -9.12 -8.93 -0.60
N TYR A 27 -8.77 -7.67 -0.81
CA TYR A 27 -7.58 -7.35 -1.57
C TYR A 27 -6.44 -8.31 -1.23
N LYS A 28 -5.60 -7.86 -0.30
CA LYS A 28 -4.46 -8.67 0.12
C LYS A 28 -3.41 -7.76 0.76
N GLN A 29 -3.63 -7.44 2.02
CA GLN A 29 -2.71 -6.58 2.74
C GLN A 29 -1.27 -6.85 2.30
N ILE A 30 -0.64 -5.80 1.78
CA ILE A 30 0.73 -5.92 1.32
C ILE A 30 1.63 -5.00 2.16
N GLY A 31 1.08 -3.86 2.51
CA GLY A 31 1.81 -2.89 3.32
C GLY A 31 0.95 -1.66 3.62
N THR A 32 0.53 -1.57 4.88
CA THR A 32 -0.30 -0.47 5.31
C THR A 32 0.55 0.81 5.46
N CYS A 33 -0.03 1.91 5.01
CA CYS A 33 0.66 3.19 5.09
C CYS A 33 -0.02 4.05 6.16
N GLY A 34 0.72 5.03 6.65
CA GLY A 34 0.19 5.92 7.67
C GLY A 34 -1.30 6.16 7.48
N LEU A 35 -1.68 6.45 6.24
CA LEU A 35 -3.07 6.70 5.91
C LEU A 35 -3.96 5.72 6.68
N PRO A 36 -4.86 6.29 7.52
CA PRO A 36 -5.77 5.48 8.31
C PRO A 36 -6.89 4.90 7.44
N GLY A 37 -6.67 3.68 6.97
CA GLY A 37 -7.63 3.01 6.13
C GLY A 37 -7.10 2.82 4.71
N THR A 38 -5.81 3.10 4.56
CA THR A 38 -5.17 2.97 3.26
C THR A 38 -3.92 2.09 3.37
N LYS A 39 -3.99 0.94 2.72
CA LYS A 39 -2.89 0.00 2.74
C LYS A 39 -2.64 -0.52 1.33
N CYS A 40 -1.49 -1.16 1.16
CA CYS A 40 -1.11 -1.71 -0.13
C CYS A 40 -1.99 -2.92 -0.42
N CYS A 41 -3.13 -2.66 -1.07
CA CYS A 41 -4.06 -3.73 -1.40
C CYS A 41 -4.04 -3.93 -2.91
N LYS A 42 -4.42 -5.13 -3.33
CA LYS A 42 -4.44 -5.46 -4.74
C LYS A 42 -5.43 -4.53 -5.45
N LYS A 43 -5.03 -4.10 -6.64
CA LYS A 43 -5.87 -3.22 -7.43
C LYS A 43 -5.80 -3.64 -8.90
N PRO A 44 -6.68 -4.61 -9.26
CA PRO A 44 -6.74 -5.11 -10.63
C PRO A 44 -7.41 -4.11 -11.55
N GLY A 1 17.65 -3.93 1.29
CA GLY A 1 16.89 -3.06 0.40
C GLY A 1 17.81 -2.14 -0.39
N ILE A 2 17.34 -1.77 -1.58
CA ILE A 2 18.10 -0.90 -2.45
C ILE A 2 17.17 -0.25 -3.47
N ILE A 3 16.34 -1.08 -4.09
CA ILE A 3 15.40 -0.60 -5.08
C ILE A 3 13.99 -1.03 -4.68
N ASN A 4 13.46 -0.36 -3.68
CA ASN A 4 12.13 -0.66 -3.19
C ASN A 4 12.08 -2.10 -2.68
N THR A 5 12.03 -2.23 -1.37
CA THR A 5 11.99 -3.54 -0.75
C THR A 5 10.63 -3.78 -0.08
N LEU A 6 9.83 -2.72 -0.05
CA LEU A 6 8.51 -2.80 0.54
C LEU A 6 8.64 -2.88 2.06
N GLN A 7 7.55 -2.59 2.74
CA GLN A 7 7.53 -2.64 4.19
C GLN A 7 6.12 -2.32 4.72
N LYS A 8 5.73 -1.07 4.54
CA LYS A 8 4.41 -0.63 4.98
C LYS A 8 4.30 0.88 4.80
N TYR A 9 4.96 1.61 5.70
CA TYR A 9 4.94 3.06 5.65
C TYR A 9 5.07 3.56 4.20
N TYR A 10 5.67 2.72 3.37
CA TYR A 10 5.87 3.06 1.98
C TYR A 10 5.83 1.80 1.10
N CYS A 11 5.34 0.72 1.68
CA CYS A 11 5.24 -0.54 0.96
C CYS A 11 4.82 -0.23 -0.47
N ARG A 12 3.89 0.69 -0.60
CA ARG A 12 3.39 1.09 -1.91
C ARG A 12 2.80 -0.13 -2.64
N VAL A 13 1.89 0.16 -3.56
CA VAL A 13 1.24 -0.89 -4.32
C VAL A 13 1.26 -0.52 -5.81
N ARG A 14 0.90 0.72 -6.07
CA ARG A 14 0.88 1.21 -7.45
C ARG A 14 1.29 2.68 -7.49
N GLY A 15 2.58 2.91 -7.72
CA GLY A 15 3.11 4.25 -7.78
C GLY A 15 2.45 5.15 -6.74
N ALA A 16 2.61 4.75 -5.48
CA ALA A 16 2.04 5.50 -4.38
C ALA A 16 1.99 4.62 -3.13
N ILE A 17 2.22 5.25 -1.99
CA ILE A 17 2.21 4.54 -0.72
C ILE A 17 0.77 4.16 -0.37
N CYS A 18 0.53 2.86 -0.26
CA CYS A 18 -0.79 2.36 0.07
C CYS A 18 -1.78 2.90 -0.98
N HIS A 19 -2.95 2.28 -1.00
CA HIS A 19 -3.98 2.67 -1.95
C HIS A 19 -4.33 4.15 -1.74
N PRO A 20 -4.47 4.87 -2.89
CA PRO A 20 -4.80 6.28 -2.85
C PRO A 20 -6.27 6.50 -2.48
N VAL A 21 -6.51 7.55 -1.70
CA VAL A 21 -7.85 7.87 -1.29
C VAL A 21 -8.26 6.94 -0.14
N PHE A 22 -8.19 5.65 -0.41
CA PHE A 22 -8.54 4.65 0.58
C PHE A 22 -8.00 3.27 0.20
N CYS A 23 -8.61 2.25 0.77
CA CYS A 23 -8.20 0.88 0.49
C CYS A 23 -9.45 0.00 0.45
N PRO A 24 -9.54 -0.83 -0.62
CA PRO A 24 -10.67 -1.72 -0.80
C PRO A 24 -10.57 -2.91 0.16
N ARG A 25 -11.18 -4.01 -0.26
CA ARG A 25 -11.17 -5.23 0.54
C ARG A 25 -10.84 -6.43 -0.33
N ARG A 26 -10.37 -7.49 0.33
CA ARG A 26 -10.02 -8.71 -0.38
C ARG A 26 -8.70 -8.53 -1.13
N TYR A 27 -8.29 -7.28 -1.23
CA TYR A 27 -7.06 -6.95 -1.93
C TYR A 27 -5.93 -7.90 -1.51
N LYS A 28 -5.12 -7.45 -0.57
CA LYS A 28 -4.01 -8.25 -0.08
C LYS A 28 -3.09 -7.37 0.77
N GLN A 29 -3.37 -7.35 2.07
CA GLN A 29 -2.59 -6.56 2.99
C GLN A 29 -1.11 -6.94 2.89
N ILE A 30 -0.29 -5.94 2.61
CA ILE A 30 1.14 -6.15 2.49
C ILE A 30 1.90 -4.97 3.10
N GLY A 31 1.16 -4.19 3.87
CA GLY A 31 1.74 -3.03 4.53
C GLY A 31 0.66 -1.97 4.84
N THR A 32 1.12 -0.80 5.23
CA THR A 32 0.22 0.29 5.56
C THR A 32 1.00 1.54 5.94
N CYS A 33 0.42 2.69 5.62
CA CYS A 33 1.05 3.96 5.92
C CYS A 33 0.25 4.64 7.03
N GLY A 34 0.75 5.80 7.45
CA GLY A 34 0.09 6.56 8.50
C GLY A 34 -1.38 6.82 8.14
N LEU A 35 -2.21 5.86 8.49
CA LEU A 35 -3.64 5.96 8.22
C LEU A 35 -4.28 4.58 8.28
N PRO A 36 -5.30 4.47 9.17
CA PRO A 36 -6.00 3.20 9.34
C PRO A 36 -6.94 2.93 8.16
N GLY A 37 -6.90 3.84 7.20
CA GLY A 37 -7.74 3.71 6.02
C GLY A 37 -6.89 3.65 4.75
N THR A 38 -5.59 3.58 4.95
CA THR A 38 -4.66 3.51 3.83
C THR A 38 -3.61 2.42 4.07
N LYS A 39 -3.92 1.22 3.57
CA LYS A 39 -3.03 0.09 3.73
C LYS A 39 -2.44 -0.28 2.36
N CYS A 40 -1.39 -1.09 2.40
CA CYS A 40 -0.74 -1.53 1.18
C CYS A 40 -1.55 -2.67 0.57
N CYS A 41 -2.45 -2.30 -0.33
CA CYS A 41 -3.31 -3.29 -0.97
C CYS A 41 -3.00 -3.26 -2.48
N LYS A 42 -2.95 -4.46 -3.06
CA LYS A 42 -2.67 -4.58 -4.48
C LYS A 42 -3.69 -3.76 -5.27
N LYS A 43 -3.68 -3.97 -6.57
CA LYS A 43 -4.61 -3.27 -7.45
C LYS A 43 -4.70 -4.01 -8.79
N PRO A 44 -5.59 -5.03 -8.82
CA PRO A 44 -5.79 -5.82 -10.02
C PRO A 44 -6.59 -5.04 -11.07
N GLY A 1 24.11 0.30 -2.89
CA GLY A 1 22.69 0.03 -2.99
C GLY A 1 22.13 -0.47 -1.65
N ILE A 2 21.16 0.28 -1.14
CA ILE A 2 20.53 -0.06 0.13
C ILE A 2 19.02 -0.19 -0.08
N ILE A 3 18.65 -0.54 -1.31
CA ILE A 3 17.25 -0.71 -1.64
C ILE A 3 16.66 -1.84 -0.79
N ASN A 4 15.36 -1.72 -0.54
CA ASN A 4 14.67 -2.71 0.26
C ASN A 4 13.54 -3.34 -0.58
N THR A 5 12.75 -2.47 -1.19
CA THR A 5 11.65 -2.94 -2.02
C THR A 5 10.60 -3.65 -1.16
N LEU A 6 9.39 -3.11 -1.19
CA LEU A 6 8.29 -3.68 -0.43
C LEU A 6 8.49 -3.37 1.05
N GLN A 7 7.42 -2.89 1.67
CA GLN A 7 7.47 -2.55 3.08
C GLN A 7 6.05 -2.35 3.62
N LYS A 8 5.54 -1.15 3.42
CA LYS A 8 4.19 -0.82 3.88
C LYS A 8 3.88 0.63 3.51
N TYR A 9 4.37 1.54 4.34
CA TYR A 9 4.15 2.96 4.12
C TYR A 9 4.44 3.34 2.67
N TYR A 10 5.18 2.46 2.00
CA TYR A 10 5.54 2.70 0.61
C TYR A 10 5.59 1.38 -0.17
N CYS A 11 5.07 0.34 0.47
CA CYS A 11 5.05 -0.98 -0.15
C CYS A 11 4.73 -0.81 -1.64
N ARG A 12 3.94 0.22 -1.93
CA ARG A 12 3.55 0.49 -3.30
C ARG A 12 4.25 1.77 -3.80
N VAL A 13 5.45 1.58 -4.31
CA VAL A 13 6.23 2.69 -4.83
C VAL A 13 5.31 3.62 -5.64
N ARG A 14 5.80 4.84 -5.86
CA ARG A 14 5.04 5.82 -6.61
C ARG A 14 3.95 6.43 -5.72
N GLY A 15 3.19 7.34 -6.32
CA GLY A 15 2.11 8.01 -5.60
C GLY A 15 0.91 7.08 -5.44
N ALA A 16 1.16 5.93 -4.83
CA ALA A 16 0.12 4.94 -4.61
C ALA A 16 0.56 3.97 -3.53
N ILE A 17 1.26 4.50 -2.54
CA ILE A 17 1.75 3.68 -1.44
C ILE A 17 0.66 2.71 -1.01
N CYS A 18 -0.58 3.12 -1.23
CA CYS A 18 -1.72 2.29 -0.87
C CYS A 18 -2.93 2.77 -1.68
N HIS A 19 -3.96 1.94 -1.66
CA HIS A 19 -5.18 2.26 -2.40
C HIS A 19 -5.50 3.75 -2.24
N PRO A 20 -5.91 4.36 -3.38
CA PRO A 20 -6.24 5.78 -3.38
C PRO A 20 -7.60 6.03 -2.72
N VAL A 21 -7.68 7.12 -1.98
CA VAL A 21 -8.91 7.48 -1.30
C VAL A 21 -9.05 6.62 -0.03
N PHE A 22 -9.04 5.31 -0.24
CA PHE A 22 -9.16 4.38 0.87
C PHE A 22 -8.72 2.98 0.46
N CYS A 23 -9.25 1.99 1.18
CA CYS A 23 -8.90 0.61 0.90
C CYS A 23 -10.14 -0.26 1.19
N PRO A 24 -10.48 -1.12 0.20
CA PRO A 24 -11.63 -2.00 0.34
C PRO A 24 -11.32 -3.15 1.29
N ARG A 25 -12.03 -4.25 1.08
CA ARG A 25 -11.84 -5.43 1.91
C ARG A 25 -11.76 -6.69 1.03
N ARG A 26 -11.20 -7.74 1.62
CA ARG A 26 -11.04 -8.99 0.91
C ARG A 26 -9.96 -8.87 -0.16
N TYR A 27 -9.53 -7.63 -0.38
CA TYR A 27 -8.50 -7.37 -1.38
C TYR A 27 -7.31 -8.30 -1.18
N LYS A 28 -6.27 -7.76 -0.55
CA LYS A 28 -5.06 -8.53 -0.30
C LYS A 28 -4.04 -7.63 0.40
N GLN A 29 -3.88 -7.87 1.70
CA GLN A 29 -2.94 -7.10 2.49
C GLN A 29 -1.52 -7.26 1.93
N ILE A 30 -0.94 -6.13 1.56
CA ILE A 30 0.41 -6.13 1.01
C ILE A 30 1.21 -4.99 1.66
N GLY A 31 0.61 -4.39 2.66
CA GLY A 31 1.26 -3.29 3.37
C GLY A 31 0.23 -2.38 4.04
N THR A 32 0.73 -1.41 4.79
CA THR A 32 -0.13 -0.47 5.48
C THR A 32 0.57 0.87 5.65
N CYS A 33 -0.10 1.91 5.18
CA CYS A 33 0.45 3.26 5.27
C CYS A 33 -0.28 4.00 6.41
N GLY A 34 0.48 4.86 7.08
CA GLY A 34 -0.08 5.63 8.18
C GLY A 34 -1.55 5.96 7.94
N LEU A 35 -1.84 6.38 6.72
CA LEU A 35 -3.20 6.72 6.35
C LEU A 35 -4.17 5.75 7.02
N PRO A 36 -5.12 6.33 7.80
CA PRO A 36 -6.11 5.53 8.50
C PRO A 36 -7.18 5.01 7.55
N GLY A 37 -6.97 3.78 7.09
CA GLY A 37 -7.90 3.16 6.18
C GLY A 37 -7.26 2.94 4.81
N THR A 38 -5.98 3.24 4.74
CA THR A 38 -5.24 3.09 3.49
C THR A 38 -4.12 2.06 3.67
N LYS A 39 -4.27 0.94 2.98
CA LYS A 39 -3.29 -0.12 3.04
C LYS A 39 -2.90 -0.54 1.63
N CYS A 40 -1.92 -1.43 1.55
CA CYS A 40 -1.44 -1.92 0.26
C CYS A 40 -2.33 -3.09 -0.15
N CYS A 41 -3.48 -2.74 -0.74
CA CYS A 41 -4.42 -3.76 -1.19
C CYS A 41 -4.35 -3.82 -2.72
N LYS A 42 -4.40 -5.03 -3.23
CA LYS A 42 -4.34 -5.25 -4.67
C LYS A 42 -5.22 -4.20 -5.37
N LYS A 43 -4.60 -3.47 -6.27
CA LYS A 43 -5.30 -2.43 -7.01
C LYS A 43 -6.17 -3.08 -8.09
N PRO A 44 -5.51 -3.94 -8.91
CA PRO A 44 -6.21 -4.63 -9.98
C PRO A 44 -7.08 -5.77 -9.42
N GLY A 1 21.62 2.65 -2.31
CA GLY A 1 21.06 3.95 -1.98
C GLY A 1 19.57 3.85 -1.67
N ILE A 2 18.81 3.48 -2.71
CA ILE A 2 17.37 3.34 -2.57
C ILE A 2 16.96 1.93 -2.98
N ILE A 3 16.07 1.35 -2.18
CA ILE A 3 15.59 0.00 -2.46
C ILE A 3 14.06 -0.01 -2.40
N ASN A 4 13.48 -0.86 -3.23
CA ASN A 4 12.04 -0.98 -3.28
C ASN A 4 11.65 -2.44 -3.48
N THR A 5 11.17 -3.04 -2.41
CA THR A 5 10.77 -4.44 -2.45
C THR A 5 9.35 -4.59 -1.89
N LEU A 6 9.17 -4.15 -0.66
CA LEU A 6 7.88 -4.24 -0.01
C LEU A 6 8.05 -4.03 1.50
N GLN A 7 6.96 -3.65 2.14
CA GLN A 7 6.98 -3.41 3.57
C GLN A 7 5.60 -2.98 4.07
N LYS A 8 5.38 -1.67 4.02
CA LYS A 8 4.11 -1.10 4.46
C LYS A 8 4.07 0.37 4.09
N TYR A 9 4.62 1.18 4.98
CA TYR A 9 4.65 2.63 4.76
C TYR A 9 5.00 2.95 3.32
N TYR A 10 5.71 2.03 2.68
CA TYR A 10 6.13 2.21 1.31
C TYR A 10 5.98 0.91 0.52
N CYS A 11 5.27 -0.04 1.11
CA CYS A 11 5.06 -1.33 0.49
C CYS A 11 4.85 -1.11 -1.01
N ARG A 12 5.19 -2.13 -1.79
CA ARG A 12 5.04 -2.05 -3.23
C ARG A 12 6.26 -1.36 -3.85
N VAL A 13 6.02 -0.76 -5.01
CA VAL A 13 7.08 -0.06 -5.72
C VAL A 13 6.85 1.45 -5.62
N ARG A 14 6.34 2.00 -6.71
CA ARG A 14 6.07 3.43 -6.76
C ARG A 14 4.57 3.67 -6.94
N GLY A 15 4.19 4.93 -6.82
CA GLY A 15 2.80 5.31 -6.96
C GLY A 15 2.03 5.12 -5.65
N ALA A 16 0.73 5.34 -5.72
CA ALA A 16 -0.12 5.19 -4.55
C ALA A 16 -0.16 3.71 -4.13
N ILE A 17 0.88 3.29 -3.44
CA ILE A 17 0.97 1.91 -2.98
C ILE A 17 -0.34 1.52 -2.30
N CYS A 18 -0.75 2.34 -1.35
CA CYS A 18 -1.97 2.09 -0.62
C CYS A 18 -3.13 2.78 -1.35
N HIS A 19 -4.32 2.26 -1.14
CA HIS A 19 -5.51 2.81 -1.77
C HIS A 19 -5.68 4.26 -1.35
N PRO A 20 -6.02 5.12 -2.36
CA PRO A 20 -6.22 6.54 -2.10
C PRO A 20 -7.56 6.79 -1.41
N VAL A 21 -7.55 7.76 -0.51
CA VAL A 21 -8.75 8.11 0.22
C VAL A 21 -8.98 7.08 1.34
N PHE A 22 -9.08 5.82 0.92
CA PHE A 22 -9.28 4.74 1.87
C PHE A 22 -8.93 3.39 1.25
N CYS A 23 -9.36 2.34 1.92
CA CYS A 23 -9.09 0.99 1.44
C CYS A 23 -10.40 0.19 1.49
N PRO A 24 -10.66 -0.55 0.39
CA PRO A 24 -11.86 -1.36 0.30
C PRO A 24 -11.75 -2.61 1.17
N ARG A 25 -12.47 -3.65 0.75
CA ARG A 25 -12.45 -4.91 1.47
C ARG A 25 -12.25 -6.08 0.51
N ARG A 26 -11.87 -7.21 1.09
CA ARG A 26 -11.63 -8.41 0.30
C ARG A 26 -10.42 -8.20 -0.62
N TYR A 27 -9.88 -7.01 -0.58
CA TYR A 27 -8.72 -6.67 -1.39
C TYR A 27 -7.57 -7.64 -1.13
N LYS A 28 -6.61 -7.17 -0.35
CA LYS A 28 -5.45 -7.98 0.00
C LYS A 28 -4.41 -7.11 0.70
N GLN A 29 -4.28 -7.34 1.99
CA GLN A 29 -3.33 -6.59 2.80
C GLN A 29 -1.90 -6.96 2.41
N ILE A 30 -1.14 -5.93 2.04
CA ILE A 30 0.25 -6.14 1.63
C ILE A 30 1.09 -4.97 2.13
N GLY A 31 0.52 -4.23 3.08
CA GLY A 31 1.21 -3.07 3.64
C GLY A 31 0.23 -1.95 3.95
N THR A 32 0.78 -0.74 3.99
CA THR A 32 -0.04 0.44 4.27
C THR A 32 0.80 1.70 4.16
N CYS A 33 0.17 2.75 3.64
CA CYS A 33 0.84 4.02 3.47
C CYS A 33 -0.14 5.14 3.84
N GLY A 34 0.21 6.35 3.42
CA GLY A 34 -0.63 7.50 3.69
C GLY A 34 -1.06 7.54 5.16
N LEU A 35 -2.28 7.08 5.39
CA LEU A 35 -2.82 7.06 6.74
C LEU A 35 -3.24 5.62 7.09
N PRO A 36 -3.80 5.48 8.32
CA PRO A 36 -4.26 4.17 8.78
C PRO A 36 -5.56 3.77 8.10
N GLY A 37 -6.01 4.63 7.20
CA GLY A 37 -7.24 4.38 6.47
C GLY A 37 -6.95 3.94 5.03
N THR A 38 -5.66 3.95 4.69
CA THR A 38 -5.24 3.56 3.36
C THR A 38 -4.10 2.55 3.44
N LYS A 39 -4.47 1.28 3.33
CA LYS A 39 -3.49 0.21 3.39
C LYS A 39 -3.21 -0.30 1.98
N CYS A 40 -2.20 -1.16 1.87
CA CYS A 40 -1.83 -1.73 0.60
C CYS A 40 -2.84 -2.82 0.24
N CYS A 41 -3.78 -2.45 -0.61
CA CYS A 41 -4.81 -3.39 -1.04
C CYS A 41 -4.71 -3.55 -2.57
N LYS A 42 -5.18 -4.70 -3.04
CA LYS A 42 -5.15 -4.99 -4.46
C LYS A 42 -3.72 -4.78 -4.98
N LYS A 43 -3.63 -4.62 -6.29
CA LYS A 43 -2.34 -4.42 -6.93
C LYS A 43 -1.69 -5.78 -7.21
N PRO A 44 -2.12 -6.39 -8.34
CA PRO A 44 -1.59 -7.69 -8.73
C PRO A 44 -0.18 -7.55 -9.30
#